data_4XWZ
#
_entry.id   4XWZ
#
_cell.length_a   70.171
_cell.length_b   83.197
_cell.length_c   176.065
_cell.angle_alpha   90.00
_cell.angle_beta   90.00
_cell.angle_gamma   90.00
#
_symmetry.space_group_name_H-M   'P 21 21 21'
#
loop_
_entity.id
_entity.type
_entity.pdbx_description
1 polymer 'Fructosyl amine:oxygen oxidoreductase'
2 non-polymer 'FLAVIN-ADENINE DINUCLEOTIDE'
3 non-polymer LYSINE
4 non-polymer beta-D-fructopyranose
5 water water
#
_entity_poly.entity_id   1
_entity_poly.type   'polypeptide(L)'
_entity_poly.pdbx_seq_one_letter_code
;HHHHHHSSGHIDDDDKMAPSILSTESSIIVIGAGTWGCSTALHLARRGYKDVTVLDPHPVPSPIAAGNDINKIMEHSELK
DGSSDPRSAAFSTFTRAALKAWKTDPVFQPYFHETGFIISGHTPALIDHIRKDEVEPSETNFVKLETAEDFRRTMPPGVL
TGDFPGWKGWLHKSGAGWIHAKKAMISAFNEAKRLGVRFVTGSPEGNVVSLVYEDGDVVGARTADGRVHKAHRTILSAGA
GSDSLLDFKKQLRPTAWTLCHIQMGPEEVKQYRNLPVLFNIAKGFFMEPDEDKHELKICDEHPGYCNFLPDPNRPGQEKS
VPFAKHQIPLEAEARARDFLHDTMPHLADRPLSFARICWDADTPDRAFLIDRHPEHPSLLVAVGGSGNGAMQMPTIGGFI
ADALESKLQKEVKDIVRWRPETAVDRDWRATQNRFGGPDRIMDFQQVGEDQWTKIGESRGP
;
_entity_poly.pdbx_strand_id   A,B
#
# COMPACT_ATOMS: atom_id res chain seq x y z
N ILE A 21 41.73 41.28 -20.51
CA ILE A 21 40.96 40.40 -21.43
C ILE A 21 39.57 40.10 -20.87
N LEU A 22 39.52 39.31 -19.80
CA LEU A 22 38.26 38.97 -19.15
C LEU A 22 37.62 40.22 -18.53
N SER A 23 36.35 40.45 -18.86
CA SER A 23 35.51 41.33 -18.06
C SER A 23 34.03 41.02 -18.31
N THR A 24 33.16 41.71 -17.60
CA THR A 24 31.73 41.42 -17.64
C THR A 24 31.10 41.90 -18.94
N GLU A 25 31.87 42.66 -19.73
CA GLU A 25 31.43 43.08 -21.06
C GLU A 25 31.85 42.07 -22.12
N SER A 26 32.75 41.17 -21.74
CA SER A 26 33.26 40.16 -22.66
C SER A 26 32.17 39.15 -23.04
N SER A 27 32.10 38.81 -24.31
CA SER A 27 31.21 37.76 -24.78
CA SER A 27 31.20 37.76 -24.78
C SER A 27 31.64 36.41 -24.22
N ILE A 28 30.67 35.62 -23.78
CA ILE A 28 30.90 34.27 -23.31
C ILE A 28 29.95 33.32 -24.01
N ILE A 29 30.48 32.21 -24.51
CA ILE A 29 29.64 31.13 -25.01
C ILE A 29 29.72 29.92 -24.08
N VAL A 30 28.56 29.45 -23.64
CA VAL A 30 28.46 28.23 -22.87
C VAL A 30 27.89 27.12 -23.75
N ILE A 31 28.65 26.05 -23.92
CA ILE A 31 28.20 24.92 -24.71
C ILE A 31 27.59 23.86 -23.81
N GLY A 32 26.29 23.68 -23.91
CA GLY A 32 25.57 22.75 -23.06
C GLY A 32 24.69 23.44 -22.04
N ALA A 33 23.38 23.32 -22.22
CA ALA A 33 22.41 23.94 -21.32
C ALA A 33 21.82 22.89 -20.38
N GLY A 34 22.70 22.14 -19.71
CA GLY A 34 22.27 21.08 -18.81
C GLY A 34 22.44 21.48 -17.36
N THR A 35 22.75 20.51 -16.51
CA THR A 35 22.91 20.78 -15.08
C THR A 35 23.89 21.92 -14.86
N TRP A 36 25.11 21.74 -15.35
CA TRP A 36 26.19 22.67 -15.05
C TRP A 36 26.15 23.92 -15.94
N GLY A 37 25.63 23.77 -17.15
CA GLY A 37 25.54 24.88 -18.08
C GLY A 37 24.54 25.92 -17.63
N CYS A 38 23.39 25.46 -17.15
CA CYS A 38 22.34 26.35 -16.67
C CYS A 38 22.76 27.02 -15.37
N SER A 39 23.49 26.29 -14.53
CA SER A 39 24.00 26.86 -13.30
C SER A 39 25.01 27.96 -13.63
N THR A 40 25.90 27.67 -14.58
CA THR A 40 26.90 28.64 -14.99
C THR A 40 26.26 29.89 -15.58
N ALA A 41 25.24 29.69 -16.41
CA ALA A 41 24.55 30.83 -17.03
C ALA A 41 23.92 31.72 -15.97
N LEU A 42 23.32 31.09 -14.95
CA LEU A 42 22.70 31.84 -13.87
C LEU A 42 23.75 32.64 -13.09
N HIS A 43 24.86 32.00 -12.74
CA HIS A 43 25.89 32.64 -11.94
C HIS A 43 26.55 33.78 -12.70
N LEU A 44 26.79 33.58 -14.00
CA LEU A 44 27.35 34.64 -14.83
C LEU A 44 26.40 35.84 -14.87
N ALA A 45 25.12 35.56 -15.04
CA ALA A 45 24.11 36.62 -15.08
C ALA A 45 24.08 37.41 -13.76
N ARG A 46 24.14 36.69 -12.64
CA ARG A 46 24.10 37.33 -11.33
C ARG A 46 25.33 38.18 -11.09
N ARG A 47 26.45 37.78 -11.70
CA ARG A 47 27.70 38.49 -11.50
C ARG A 47 27.83 39.68 -12.46
N GLY A 48 26.87 39.82 -13.36
CA GLY A 48 26.76 41.03 -14.17
C GLY A 48 27.35 40.88 -15.56
N TYR A 49 27.58 39.65 -15.99
CA TYR A 49 28.02 39.41 -17.37
C TYR A 49 26.84 39.65 -18.32
N LYS A 50 27.06 40.49 -19.33
CA LYS A 50 25.97 41.07 -20.10
C LYS A 50 25.77 40.34 -21.43
N ASP A 51 26.80 39.66 -21.91
CA ASP A 51 26.78 39.09 -23.24
C ASP A 51 27.03 37.58 -23.19
N VAL A 52 26.06 36.84 -22.67
CA VAL A 52 26.22 35.40 -22.50
C VAL A 52 25.26 34.65 -23.41
N THR A 53 25.81 33.71 -24.19
CA THR A 53 25.01 32.87 -25.05
C THR A 53 25.24 31.40 -24.73
N VAL A 54 24.14 30.66 -24.57
CA VAL A 54 24.21 29.24 -24.26
C VAL A 54 23.68 28.44 -25.46
N LEU A 55 24.44 27.44 -25.88
CA LEU A 55 24.04 26.61 -27.01
C LEU A 55 23.71 25.19 -26.56
N ASP A 56 22.63 24.63 -27.08
CA ASP A 56 22.28 23.23 -26.84
C ASP A 56 21.51 22.68 -28.03
N PRO A 57 21.70 21.40 -28.34
CA PRO A 57 20.94 20.77 -29.41
C PRO A 57 19.46 20.63 -29.07
N HIS A 58 19.12 20.74 -27.79
CA HIS A 58 17.74 20.57 -27.34
C HIS A 58 17.27 21.74 -26.50
N PRO A 59 15.96 22.03 -26.52
CA PRO A 59 15.33 22.91 -25.54
C PRO A 59 15.45 22.39 -24.12
N VAL A 60 15.63 23.29 -23.15
CA VAL A 60 15.66 22.91 -21.74
C VAL A 60 14.27 22.49 -21.29
N PRO A 61 14.16 21.36 -20.57
CA PRO A 61 15.27 20.49 -20.17
C PRO A 61 15.59 19.45 -21.25
N SER A 62 16.86 19.34 -21.60
CA SER A 62 17.26 18.44 -22.68
C SER A 62 16.93 16.99 -22.32
N PRO A 63 16.39 16.22 -23.28
CA PRO A 63 16.11 14.80 -23.02
C PRO A 63 17.38 13.98 -22.76
N ILE A 64 18.54 14.48 -23.15
CA ILE A 64 19.78 13.74 -22.93
C ILE A 64 20.64 14.32 -21.79
N ALA A 65 20.14 15.33 -21.11
CA ALA A 65 20.82 15.81 -19.91
C ALA A 65 20.65 14.80 -18.78
N ALA A 66 21.76 14.47 -18.12
CA ALA A 66 21.70 13.62 -16.93
C ALA A 66 20.94 14.31 -15.80
N GLY A 67 20.87 15.63 -15.87
CA GLY A 67 20.17 16.41 -14.86
C GLY A 67 18.67 16.41 -15.04
N ASN A 68 18.21 15.96 -16.21
CA ASN A 68 16.79 15.89 -16.50
C ASN A 68 16.14 14.63 -15.91
N ASP A 69 15.80 14.71 -14.63
CA ASP A 69 15.43 13.55 -13.82
C ASP A 69 14.52 14.05 -12.70
N ILE A 70 13.47 13.30 -12.37
CA ILE A 70 12.51 13.78 -11.39
C ILE A 70 13.10 13.82 -9.98
N ASN A 71 14.22 13.15 -9.78
CA ASN A 71 14.94 13.26 -8.53
C ASN A 71 16.39 12.81 -8.66
N LYS A 72 17.24 13.39 -7.80
CA LYS A 72 18.60 12.90 -7.59
C LYS A 72 18.90 12.98 -6.10
N ILE A 73 19.96 12.29 -5.68
CA ILE A 73 20.40 12.29 -4.30
C ILE A 73 21.29 13.50 -4.01
N MET A 74 21.01 14.19 -2.92
CA MET A 74 21.93 15.19 -2.36
C MET A 74 22.45 14.71 -1.01
N GLU A 75 23.76 14.78 -0.82
CA GLU A 75 24.37 14.42 0.46
C GLU A 75 25.62 15.25 0.71
N HIS A 76 25.74 15.77 1.93
CA HIS A 76 26.96 16.43 2.37
C HIS A 76 27.47 15.77 3.63
N SER A 77 28.77 15.49 3.64
CA SER A 77 29.44 14.94 4.82
C SER A 77 30.70 15.74 5.14
N GLU A 78 30.80 16.21 6.38
CA GLU A 78 32.07 16.71 6.93
C GLU A 78 32.97 15.55 7.35
N LEU A 79 34.26 15.67 7.03
CA LEU A 79 35.22 14.60 7.32
C LEU A 79 36.02 14.92 8.58
N LYS A 80 36.34 13.89 9.35
CA LYS A 80 37.28 14.03 10.47
C LYS A 80 38.68 14.35 9.94
N ASP A 81 39.48 14.99 10.77
CA ASP A 81 40.90 15.15 10.50
C ASP A 81 41.60 13.79 10.51
N GLY A 82 42.47 13.56 9.52
CA GLY A 82 43.20 12.30 9.42
C GLY A 82 42.50 11.32 8.48
N SER A 83 41.22 11.55 8.25
CA SER A 83 40.40 10.57 7.55
CA SER A 83 40.36 10.59 7.56
C SER A 83 40.00 11.09 6.17
N SER A 84 40.40 12.31 5.85
CA SER A 84 40.25 12.83 4.49
C SER A 84 41.57 12.77 3.74
N ASP A 85 41.50 12.58 2.43
CA ASP A 85 42.55 13.05 1.54
C ASP A 85 42.09 14.28 0.77
N PRO A 86 43.00 14.87 0.00
CA PRO A 86 42.70 16.15 -0.65
C PRO A 86 41.48 16.06 -1.56
N ARG A 87 41.24 14.87 -2.12
CA ARG A 87 40.16 14.68 -3.07
C ARG A 87 38.80 14.69 -2.38
N SER A 88 38.70 14.00 -1.25
CA SER A 88 37.46 13.97 -0.49
C SER A 88 37.22 15.28 0.24
N ALA A 89 38.30 15.96 0.60
CA ALA A 89 38.20 17.29 1.20
C ALA A 89 37.67 18.30 0.20
N ALA A 90 38.12 18.21 -1.04
CA ALA A 90 37.58 19.04 -2.11
C ALA A 90 36.10 18.75 -2.33
N PHE A 91 35.74 17.47 -2.37
CA PHE A 91 34.34 17.08 -2.59
C PHE A 91 33.45 17.65 -1.49
N SER A 92 33.93 17.56 -0.26
CA SER A 92 33.23 18.12 0.89
CA SER A 92 33.21 18.12 0.88
C SER A 92 33.05 19.63 0.76
N THR A 93 34.05 20.30 0.18
CA THR A 93 33.95 21.74 -0.06
C THR A 93 32.83 22.05 -1.06
N PHE A 94 32.77 21.27 -2.14
CA PHE A 94 31.69 21.40 -3.11
C PHE A 94 30.33 21.17 -2.45
N THR A 95 30.17 20.06 -1.73
CA THR A 95 28.86 19.69 -1.20
C THR A 95 28.45 20.55 -0.01
N ARG A 96 29.43 21.10 0.72
CA ARG A 96 29.12 22.05 1.78
C ARG A 96 28.45 23.30 1.21
N ALA A 97 29.04 23.85 0.15
CA ALA A 97 28.48 25.00 -0.52
C ALA A 97 27.11 24.67 -1.11
N ALA A 98 27.01 23.51 -1.76
CA ALA A 98 25.77 23.10 -2.40
C ALA A 98 24.63 23.01 -1.38
N LEU A 99 24.90 22.36 -0.25
CA LEU A 99 23.88 22.16 0.78
C LEU A 99 23.35 23.51 1.27
N LYS A 100 24.25 24.42 1.57
CA LYS A 100 23.89 25.73 2.07
C LYS A 100 22.97 26.46 1.08
N ALA A 101 23.23 26.25 -0.21
CA ALA A 101 22.47 26.92 -1.25
C ALA A 101 21.12 26.23 -1.51
N TRP A 102 21.10 24.91 -1.41
CA TRP A 102 19.85 24.17 -1.56
C TRP A 102 18.86 24.60 -0.48
N LYS A 103 19.38 25.03 0.66
CA LYS A 103 18.54 25.42 1.80
C LYS A 103 18.19 26.91 1.77
N THR A 104 18.80 27.68 0.88
CA THR A 104 18.66 29.14 0.93
C THR A 104 18.33 29.82 -0.40
N ASP A 105 19.03 29.46 -1.47
CA ASP A 105 18.88 30.15 -2.76
C ASP A 105 17.46 29.99 -3.28
N PRO A 106 16.73 31.12 -3.45
CA PRO A 106 15.34 31.08 -3.87
C PRO A 106 15.11 30.32 -5.18
N VAL A 107 16.11 30.28 -6.05
CA VAL A 107 15.98 29.56 -7.31
C VAL A 107 15.99 28.03 -7.12
N PHE A 108 16.60 27.57 -6.03
CA PHE A 108 16.87 26.14 -5.85
C PHE A 108 16.17 25.56 -4.62
N GLN A 109 15.92 26.41 -3.63
CA GLN A 109 15.44 25.97 -2.33
C GLN A 109 14.12 25.18 -2.38
N PRO A 110 13.20 25.56 -3.26
CA PRO A 110 11.92 24.85 -3.31
C PRO A 110 12.05 23.38 -3.74
N TYR A 111 13.22 23.02 -4.25
CA TYR A 111 13.37 21.73 -4.93
C TYR A 111 14.26 20.75 -4.14
N PHE A 112 14.70 21.16 -2.96
CA PHE A 112 15.47 20.26 -2.09
C PHE A 112 14.60 19.74 -0.95
N HIS A 113 14.64 18.44 -0.73
CA HIS A 113 13.85 17.81 0.31
C HIS A 113 14.75 17.05 1.27
N GLU A 114 14.96 17.62 2.46
CA GLU A 114 15.97 17.13 3.37
C GLU A 114 15.43 15.97 4.18
N THR A 115 15.25 14.83 3.53
CA THR A 115 14.53 13.71 4.12
C THR A 115 15.49 12.68 4.73
N GLY A 116 16.77 12.84 4.45
CA GLY A 116 17.78 11.91 4.91
C GLY A 116 18.23 10.93 3.84
N PHE A 117 19.13 10.03 4.22
CA PHE A 117 19.81 9.17 3.26
C PHE A 117 20.31 7.92 3.97
N ILE A 118 19.87 6.76 3.51
CA ILE A 118 20.34 5.48 4.02
C ILE A 118 21.33 4.85 3.04
N ILE A 119 22.51 4.51 3.53
CA ILE A 119 23.47 3.74 2.75
C ILE A 119 23.68 2.36 3.36
N SER A 120 23.64 1.33 2.52
CA SER A 120 23.49 -0.04 3.00
C SER A 120 24.12 -1.05 2.03
N GLY A 121 24.41 -2.23 2.55
CA GLY A 121 24.76 -3.37 1.70
C GLY A 121 24.34 -4.67 2.34
N HIS A 122 24.48 -5.77 1.60
CA HIS A 122 23.84 -7.03 1.99
C HIS A 122 24.83 -8.20 2.02
N THR A 123 26.12 -7.89 1.96
CA THR A 123 27.16 -8.84 2.35
C THR A 123 28.12 -8.22 3.36
N PRO A 124 28.83 -9.07 4.12
CA PRO A 124 29.83 -8.58 5.06
C PRO A 124 30.86 -7.67 4.39
N ALA A 125 31.33 -8.05 3.21
CA ALA A 125 32.31 -7.24 2.49
C ALA A 125 31.76 -5.86 2.17
N LEU A 126 30.54 -5.81 1.64
CA LEU A 126 29.93 -4.53 1.26
C LEU A 126 29.71 -3.67 2.50
N ILE A 127 29.19 -4.30 3.55
CA ILE A 127 28.92 -3.58 4.80
C ILE A 127 30.21 -3.03 5.43
N ASP A 128 31.29 -3.80 5.33
CA ASP A 128 32.58 -3.36 5.86
C ASP A 128 33.19 -2.22 5.02
N HIS A 129 32.95 -2.26 3.72
CA HIS A 129 33.40 -1.20 2.84
C HIS A 129 32.71 0.13 3.18
N ILE A 130 31.41 0.08 3.44
CA ILE A 130 30.68 1.28 3.82
C ILE A 130 31.17 1.81 5.16
N ARG A 131 31.38 0.91 6.11
CA ARG A 131 31.83 1.30 7.44
C ARG A 131 33.15 2.07 7.38
N LYS A 132 34.08 1.56 6.58
CA LYS A 132 35.44 2.11 6.57
C LYS A 132 35.58 3.32 5.66
N ASP A 133 34.78 3.36 4.59
CA ASP A 133 34.92 4.41 3.59
C ASP A 133 33.98 5.58 3.82
N GLU A 134 32.79 5.30 4.35
CA GLU A 134 31.74 6.32 4.42
C GLU A 134 31.46 6.73 5.86
N VAL A 135 31.38 5.76 6.76
CA VAL A 135 30.87 6.02 8.10
C VAL A 135 31.97 6.50 9.05
N GLU A 136 33.09 5.78 9.09
CA GLU A 136 34.11 6.03 10.08
C GLU A 136 34.80 7.38 9.88
N PRO A 137 35.04 7.77 8.62
CA PRO A 137 35.70 9.04 8.32
C PRO A 137 34.84 10.26 8.59
N SER A 138 33.53 10.04 8.74
CA SER A 138 32.56 11.11 8.69
C SER A 138 32.26 11.64 10.08
N GLU A 139 31.98 12.94 10.19
CA GLU A 139 31.57 13.53 11.45
C GLU A 139 30.09 13.32 11.72
N THR A 140 29.37 12.92 10.68
CA THR A 140 27.95 12.62 10.80
C THR A 140 27.70 11.61 11.92
N ASN A 141 26.66 11.83 12.71
CA ASN A 141 26.17 10.82 13.63
CA ASN A 141 26.18 10.81 13.62
C ASN A 141 25.08 9.96 12.99
N PHE A 142 25.44 8.75 12.59
CA PHE A 142 24.53 7.87 11.86
C PHE A 142 23.68 7.09 12.84
N VAL A 143 22.48 6.71 12.40
CA VAL A 143 21.70 5.67 13.06
C VAL A 143 21.98 4.33 12.37
N LYS A 144 22.45 3.37 13.15
CA LYS A 144 22.77 2.04 12.62
C LYS A 144 21.50 1.22 12.42
N LEU A 145 21.38 0.60 11.25
CA LEU A 145 20.25 -0.26 10.95
C LEU A 145 20.72 -1.72 10.83
N GLU A 146 20.24 -2.57 11.72
CA GLU A 146 20.81 -3.91 11.90
C GLU A 146 19.85 -4.97 11.39
N THR A 147 18.57 -4.69 11.48
CA THR A 147 17.54 -5.69 11.20
C THR A 147 16.57 -5.17 10.15
N ALA A 148 15.78 -6.09 9.59
CA ALA A 148 14.75 -5.72 8.64
C ALA A 148 13.77 -4.73 9.26
N GLU A 149 13.40 -4.97 10.51
CA GLU A 149 12.52 -4.04 11.21
C GLU A 149 13.11 -2.65 11.28
N ASP A 150 14.41 -2.55 11.61
CA ASP A 150 15.09 -1.26 11.67
C ASP A 150 14.88 -0.49 10.37
N PHE A 151 15.09 -1.17 9.24
CA PHE A 151 14.92 -0.54 7.94
C PHE A 151 13.48 -0.07 7.73
N ARG A 152 12.51 -0.94 8.03
CA ARG A 152 11.12 -0.65 7.73
C ARG A 152 10.62 0.54 8.55
N ARG A 153 11.21 0.75 9.72
CA ARG A 153 10.78 1.81 10.61
C ARG A 153 11.33 3.19 10.22
N THR A 154 12.18 3.23 9.20
CA THR A 154 12.66 4.52 8.69
C THR A 154 11.61 5.23 7.83
N MET A 155 10.59 4.49 7.43
CA MET A 155 9.54 5.04 6.56
C MET A 155 8.16 4.69 7.08
N PRO A 156 7.13 5.44 6.64
CA PRO A 156 5.77 5.19 7.13
C PRO A 156 5.30 3.77 6.83
N PRO A 157 4.34 3.27 7.62
CA PRO A 157 3.83 1.91 7.44
C PRO A 157 3.22 1.73 6.05
N GLY A 158 3.56 0.62 5.41
CA GLY A 158 3.04 0.31 4.10
C GLY A 158 4.04 0.60 3.00
N VAL A 159 5.11 1.32 3.33
CA VAL A 159 6.09 1.71 2.31
C VAL A 159 7.15 0.61 2.13
N LEU A 160 7.93 0.37 3.19
CA LEU A 160 8.87 -0.73 3.19
C LEU A 160 8.26 -1.97 3.84
N THR A 161 8.22 -3.06 3.08
CA THR A 161 7.50 -4.25 3.49
C THR A 161 8.39 -5.48 3.41
N GLY A 162 9.63 -5.29 2.96
CA GLY A 162 10.49 -6.41 2.61
C GLY A 162 11.19 -7.03 3.81
N ASP A 163 11.98 -8.07 3.54
CA ASP A 163 12.72 -8.77 4.58
C ASP A 163 14.18 -8.31 4.65
N PHE A 164 14.63 -7.56 3.65
CA PHE A 164 15.97 -6.99 3.68
C PHE A 164 17.03 -8.04 4.04
N PRO A 165 17.07 -9.15 3.28
CA PRO A 165 17.84 -10.32 3.70
C PRO A 165 19.36 -10.10 3.60
N GLY A 166 20.02 -10.06 4.76
CA GLY A 166 21.45 -9.79 4.81
C GLY A 166 21.81 -8.31 4.84
N TRP A 167 20.82 -7.43 4.71
CA TRP A 167 21.09 -5.99 4.70
C TRP A 167 21.54 -5.49 6.07
N LYS A 168 22.53 -4.60 6.05
CA LYS A 168 22.77 -3.67 7.16
C LYS A 168 23.11 -2.31 6.58
N GLY A 169 22.84 -1.25 7.33
CA GLY A 169 22.97 0.09 6.79
C GLY A 169 23.08 1.17 7.85
N TRP A 170 23.29 2.39 7.39
CA TRP A 170 23.36 3.55 8.27
C TRP A 170 22.46 4.65 7.74
N LEU A 171 21.72 5.29 8.64
CA LEU A 171 20.83 6.38 8.28
C LEU A 171 21.44 7.72 8.65
N HIS A 172 21.51 8.60 7.65
CA HIS A 172 22.00 9.95 7.80
C HIS A 172 20.82 10.92 7.72
N LYS A 173 20.47 11.54 8.84
CA LYS A 173 19.13 12.07 9.05
C LYS A 173 18.96 13.46 8.46
N SER A 174 20.03 14.23 8.47
CA SER A 174 19.99 15.62 8.04
C SER A 174 21.28 16.00 7.30
N GLY A 175 21.18 17.00 6.43
CA GLY A 175 22.27 17.30 5.52
C GLY A 175 22.26 16.42 4.28
N ALA A 176 21.16 15.71 4.08
CA ALA A 176 21.03 14.81 2.94
C ALA A 176 19.56 14.61 2.61
N GLY A 177 19.30 14.16 1.39
CA GLY A 177 17.93 13.99 0.92
C GLY A 177 17.90 13.88 -0.58
N TRP A 178 16.86 14.44 -1.19
CA TRP A 178 16.71 14.36 -2.63
C TRP A 178 16.30 15.70 -3.23
N ILE A 179 16.69 15.90 -4.48
CA ILE A 179 16.37 17.13 -5.20
C ILE A 179 15.54 16.81 -6.42
N HIS A 180 14.62 17.72 -6.75
CA HIS A 180 13.93 17.65 -8.03
C HIS A 180 14.77 18.27 -9.13
N ALA A 181 15.66 17.46 -9.69
CA ALA A 181 16.73 17.98 -10.53
C ALA A 181 16.17 18.64 -11.79
N LYS A 182 15.12 18.06 -12.35
CA LYS A 182 14.49 18.59 -13.55
C LYS A 182 13.91 19.99 -13.33
N LYS A 183 13.09 20.14 -12.29
CA LYS A 183 12.49 21.43 -11.97
C LYS A 183 13.50 22.48 -11.49
N ALA A 184 14.56 22.05 -10.81
CA ALA A 184 15.62 22.97 -10.41
C ALA A 184 16.39 23.51 -11.62
N MET A 185 16.62 22.65 -12.60
CA MET A 185 17.28 23.07 -13.84
C MET A 185 16.40 24.05 -14.62
N ILE A 186 15.10 23.76 -14.71
CA ILE A 186 14.15 24.67 -15.34
C ILE A 186 14.07 26.01 -14.61
N SER A 187 14.17 25.97 -13.29
CA SER A 187 14.18 27.17 -12.47
C SER A 187 15.40 28.03 -12.79
N ALA A 188 16.57 27.40 -12.87
CA ALA A 188 17.82 28.10 -13.15
C ALA A 188 17.79 28.70 -14.56
N PHE A 189 17.31 27.91 -15.51
CA PHE A 189 17.14 28.37 -16.88
C PHE A 189 16.23 29.59 -16.96
N ASN A 190 15.05 29.50 -16.36
CA ASN A 190 14.09 30.61 -16.35
C ASN A 190 14.70 31.89 -15.77
N GLU A 191 15.47 31.77 -14.70
CA GLU A 191 16.01 32.95 -14.03
C GLU A 191 17.22 33.54 -14.77
N ALA A 192 18.04 32.67 -15.37
CA ALA A 192 19.10 33.14 -16.26
C ALA A 192 18.52 33.92 -17.43
N LYS A 193 17.45 33.38 -18.01
CA LYS A 193 16.74 34.07 -19.09
C LYS A 193 16.22 35.42 -18.64
N ARG A 194 15.51 35.43 -17.51
CA ARG A 194 14.94 36.66 -16.97
C ARG A 194 16.02 37.74 -16.79
N LEU A 195 17.22 37.31 -16.41
CA LEU A 195 18.32 38.23 -16.16
C LEU A 195 19.12 38.55 -17.42
N GLY A 196 18.75 37.94 -18.54
CA GLY A 196 19.18 38.43 -19.86
C GLY A 196 20.14 37.51 -20.59
N VAL A 197 20.31 36.28 -20.12
CA VAL A 197 21.12 35.31 -20.87
C VAL A 197 20.37 34.82 -22.11
N ARG A 198 21.10 34.68 -23.21
CA ARG A 198 20.49 34.24 -24.46
C ARG A 198 20.70 32.75 -24.66
N PHE A 199 19.61 32.03 -24.87
CA PHE A 199 19.66 30.59 -25.05
C PHE A 199 19.32 30.24 -26.48
N VAL A 200 20.26 29.61 -27.18
CA VAL A 200 20.00 29.06 -28.51
C VAL A 200 19.93 27.53 -28.43
N THR A 201 18.71 27.01 -28.39
CA THR A 201 18.49 25.63 -28.02
C THR A 201 17.58 24.96 -29.03
N GLY A 202 18.09 23.91 -29.67
CA GLY A 202 17.42 23.28 -30.79
C GLY A 202 18.45 22.85 -31.81
N SER A 203 18.05 21.92 -32.68
CA SER A 203 18.95 21.43 -33.70
C SER A 203 18.41 21.82 -35.06
N PRO A 204 19.28 22.34 -35.95
CA PRO A 204 20.74 22.30 -35.80
C PRO A 204 21.33 23.49 -35.06
N GLU A 205 20.51 24.49 -34.76
CA GLU A 205 21.03 25.83 -34.49
C GLU A 205 21.89 25.89 -33.23
N GLY A 206 21.62 24.98 -32.28
CA GLY A 206 22.38 24.94 -31.04
C GLY A 206 23.20 23.68 -30.88
N ASN A 207 23.27 22.89 -31.94
CA ASN A 207 24.02 21.64 -31.93
C ASN A 207 25.46 21.87 -32.35
N VAL A 208 26.35 21.98 -31.36
CA VAL A 208 27.74 22.32 -31.63
C VAL A 208 28.46 21.08 -32.15
N VAL A 209 29.15 21.23 -33.28
CA VAL A 209 29.86 20.10 -33.88
C VAL A 209 31.37 20.23 -33.73
N SER A 210 31.84 21.44 -33.45
CA SER A 210 33.27 21.70 -33.31
C SER A 210 33.54 22.97 -32.53
N LEU A 211 34.68 23.04 -31.86
CA LEU A 211 35.25 24.31 -31.44
C LEU A 211 35.96 24.95 -32.61
N VAL A 212 36.03 26.28 -32.59
CA VAL A 212 36.67 27.03 -33.65
C VAL A 212 37.96 27.66 -33.15
N TYR A 213 39.04 27.40 -33.87
CA TYR A 213 40.38 27.77 -33.43
C TYR A 213 40.97 28.86 -34.33
N GLU A 214 41.64 29.82 -33.73
CA GLU A 214 42.47 30.76 -34.46
C GLU A 214 43.72 31.08 -33.64
N ASP A 215 44.88 30.90 -34.26
CA ASP A 215 46.15 31.21 -33.61
C ASP A 215 46.39 30.30 -32.41
N GLY A 216 45.89 29.07 -32.50
CA GLY A 216 46.09 28.08 -31.45
C GLY A 216 45.28 28.34 -30.19
N ASP A 217 44.32 29.25 -30.27
CA ASP A 217 43.34 29.43 -29.20
C ASP A 217 41.91 29.21 -29.69
N VAL A 218 41.00 28.98 -28.76
CA VAL A 218 39.60 28.82 -29.09
C VAL A 218 38.90 30.17 -29.13
N VAL A 219 38.17 30.42 -30.20
CA VAL A 219 37.52 31.73 -30.39
C VAL A 219 36.01 31.56 -30.56
N GLY A 220 35.53 30.35 -30.40
CA GLY A 220 34.09 30.11 -30.34
C GLY A 220 33.71 28.72 -30.78
N ALA A 221 32.52 28.59 -31.34
CA ALA A 221 31.93 27.29 -31.58
C ALA A 221 31.19 27.30 -32.92
N ARG A 222 31.22 26.16 -33.60
CA ARG A 222 30.51 26.00 -34.86
C ARG A 222 29.38 25.01 -34.68
N THR A 223 28.19 25.41 -35.10
CA THR A 223 27.01 24.56 -34.97
C THR A 223 26.67 23.86 -36.28
N ALA A 224 25.75 22.90 -36.19
CA ALA A 224 25.55 21.93 -37.26
C ALA A 224 24.97 22.60 -38.50
N ASP A 225 24.51 23.84 -38.35
CA ASP A 225 23.92 24.58 -39.47
C ASP A 225 24.99 25.34 -40.23
N GLY A 226 26.24 25.22 -39.77
CA GLY A 226 27.36 25.85 -40.45
C GLY A 226 27.72 27.20 -39.86
N ARG A 227 26.90 27.67 -38.93
CA ARG A 227 27.14 28.98 -38.33
C ARG A 227 28.26 28.94 -37.31
N VAL A 228 29.10 29.98 -37.32
CA VAL A 228 30.20 30.11 -36.36
C VAL A 228 29.85 31.16 -35.31
N HIS A 229 29.85 30.74 -34.05
CA HIS A 229 29.55 31.64 -32.94
C HIS A 229 30.84 32.02 -32.22
N LYS A 230 31.17 33.31 -32.25
CA LYS A 230 32.44 33.78 -31.72
C LYS A 230 32.23 34.40 -30.36
N ALA A 231 33.21 34.22 -29.48
CA ALA A 231 33.18 34.85 -28.17
C ALA A 231 34.59 35.00 -27.65
N HIS A 232 34.75 35.83 -26.62
CA HIS A 232 36.04 36.04 -25.98
C HIS A 232 36.44 34.85 -25.10
N ARG A 233 35.45 34.22 -24.47
CA ARG A 233 35.68 32.97 -23.75
C ARG A 233 34.63 31.93 -24.12
N THR A 234 35.03 30.67 -24.12
CA THR A 234 34.13 29.57 -24.42
C THR A 234 34.17 28.55 -23.28
N ILE A 235 33.01 28.22 -22.73
CA ILE A 235 32.91 27.23 -21.67
C ILE A 235 32.26 25.95 -22.19
N LEU A 236 32.98 24.85 -22.11
CA LEU A 236 32.48 23.56 -22.59
C LEU A 236 31.90 22.76 -21.42
N SER A 237 30.58 22.76 -21.32
CA SER A 237 29.87 22.04 -20.27
C SER A 237 28.76 21.17 -20.85
N ALA A 238 29.14 20.24 -21.72
CA ALA A 238 28.16 19.49 -22.49
C ALA A 238 28.06 18.06 -21.99
N GLY A 239 28.38 17.86 -20.71
CA GLY A 239 28.18 16.57 -20.08
C GLY A 239 29.01 15.48 -20.74
N ALA A 240 28.37 14.35 -21.01
CA ALA A 240 29.05 13.21 -21.65
C ALA A 240 29.36 13.52 -23.12
N GLY A 241 28.55 14.37 -23.73
CA GLY A 241 28.77 14.78 -25.11
C GLY A 241 29.98 15.67 -25.32
N SER A 242 30.56 16.15 -24.22
CA SER A 242 31.76 16.98 -24.28
C SER A 242 32.92 16.24 -24.95
N ASP A 243 32.90 14.91 -24.82
CA ASP A 243 34.05 14.08 -25.15
C ASP A 243 34.26 14.03 -26.66
N SER A 244 33.28 14.48 -27.43
CA SER A 244 33.40 14.47 -28.88
C SER A 244 33.68 15.87 -29.43
N LEU A 245 33.81 16.85 -28.55
CA LEU A 245 34.06 18.23 -28.98
C LEU A 245 35.50 18.68 -28.71
N LEU A 246 36.21 17.92 -27.88
CA LEU A 246 37.58 18.25 -27.51
C LEU A 246 38.32 16.93 -27.28
N ASP A 247 39.62 16.90 -27.57
CA ASP A 247 40.47 15.78 -27.15
C ASP A 247 40.82 15.91 -25.68
N PHE A 248 40.11 15.15 -24.85
CA PHE A 248 40.31 15.19 -23.40
C PHE A 248 41.42 14.23 -22.98
N LYS A 249 42.10 13.63 -23.95
CA LYS A 249 43.26 12.78 -23.64
C LYS A 249 42.87 11.70 -22.65
N LYS A 250 41.68 11.14 -22.84
CA LYS A 250 41.22 9.99 -22.08
C LYS A 250 40.77 10.36 -20.67
N GLN A 251 40.63 11.65 -20.40
CA GLN A 251 40.23 12.10 -19.08
C GLN A 251 38.75 11.84 -18.82
N LEU A 252 37.97 11.66 -19.88
CA LEU A 252 36.54 11.38 -19.74
C LEU A 252 36.20 9.98 -20.23
N ARG A 253 35.43 9.25 -19.43
CA ARG A 253 34.74 8.05 -19.90
C ARG A 253 33.24 8.24 -19.85
N PRO A 254 32.61 8.41 -21.02
CA PRO A 254 31.15 8.46 -21.07
C PRO A 254 30.54 7.13 -20.67
N THR A 255 29.69 7.17 -19.65
CA THR A 255 29.23 5.96 -18.98
C THR A 255 27.76 6.16 -18.61
N ALA A 256 26.96 5.11 -18.76
CA ALA A 256 25.52 5.22 -18.66
C ALA A 256 24.98 4.37 -17.50
N TRP A 257 23.96 4.89 -16.84
CA TRP A 257 23.20 4.13 -15.86
C TRP A 257 21.73 4.16 -16.21
N THR A 258 20.95 3.39 -15.47
CA THR A 258 19.63 2.96 -15.91
C THR A 258 18.59 3.31 -14.84
N LEU A 259 17.44 3.82 -15.28
CA LEU A 259 16.36 4.14 -14.36
C LEU A 259 15.04 3.72 -14.94
N CYS A 260 14.11 3.34 -14.06
CA CYS A 260 12.74 3.06 -14.48
C CYS A 260 11.74 3.56 -13.45
N HIS A 261 10.56 3.92 -13.94
CA HIS A 261 9.50 4.46 -13.11
C HIS A 261 8.38 3.44 -12.98
N ILE A 262 7.79 3.37 -11.79
CA ILE A 262 6.50 2.72 -11.61
C ILE A 262 5.46 3.78 -11.22
N GLN A 263 4.26 3.64 -11.78
CA GLN A 263 3.20 4.59 -11.54
C GLN A 263 2.36 4.17 -10.33
N MET A 264 2.39 4.98 -9.27
CA MET A 264 1.68 4.66 -8.04
C MET A 264 0.23 5.11 -8.13
N GLY A 265 -0.64 4.40 -7.44
CA GLY A 265 -2.06 4.74 -7.42
C GLY A 265 -2.36 5.90 -6.48
N PRO A 266 -3.57 6.46 -6.59
CA PRO A 266 -3.90 7.74 -5.98
C PRO A 266 -4.08 7.67 -4.46
N GLU A 267 -4.41 6.49 -3.95
CA GLU A 267 -4.49 6.31 -2.50
C GLU A 267 -3.15 5.84 -1.92
N GLU A 268 -2.55 4.84 -2.56
CA GLU A 268 -1.35 4.23 -2.01
C GLU A 268 -0.21 5.23 -1.97
N VAL A 269 -0.22 6.19 -2.89
CA VAL A 269 0.88 7.14 -3.01
C VAL A 269 1.00 8.03 -1.79
N LYS A 270 -0.08 8.13 -1.01
CA LYS A 270 -0.14 9.13 0.04
C LYS A 270 0.70 8.75 1.25
N GLN A 271 1.06 7.47 1.35
CA GLN A 271 1.97 7.02 2.40
C GLN A 271 3.43 7.33 2.05
N TYR A 272 3.71 7.46 0.75
CA TYR A 272 5.09 7.56 0.28
C TYR A 272 5.55 9.01 0.25
N ARG A 273 5.62 9.63 1.42
CA ARG A 273 5.87 11.06 1.51
C ARG A 273 7.03 11.30 2.46
N ASN A 274 7.91 12.22 2.09
CA ASN A 274 9.02 12.62 2.95
CA ASN A 274 9.00 12.62 2.98
C ASN A 274 9.90 11.44 3.32
N LEU A 275 10.29 10.67 2.31
CA LEU A 275 11.07 9.46 2.52
C LEU A 275 12.57 9.76 2.43
N PRO A 276 13.36 9.20 3.36
CA PRO A 276 14.80 9.21 3.12
C PRO A 276 15.15 8.39 1.91
N VAL A 277 16.19 8.79 1.19
CA VAL A 277 16.72 7.97 0.11
C VAL A 277 17.21 6.64 0.66
N LEU A 278 16.80 5.56 0.01
CA LEU A 278 17.30 4.24 0.37
C LEU A 278 18.22 3.72 -0.73
N PHE A 279 19.47 3.44 -0.33
CA PHE A 279 20.52 3.10 -1.29
C PHE A 279 21.31 1.90 -0.80
N ASN A 280 21.23 0.80 -1.56
CA ASN A 280 22.13 -0.34 -1.37
C ASN A 280 23.19 -0.34 -2.47
N ILE A 281 24.45 -0.20 -2.06
CA ILE A 281 25.51 0.17 -2.99
C ILE A 281 25.77 -0.93 -4.02
N ALA A 282 25.14 -2.09 -3.85
CA ALA A 282 25.28 -3.16 -4.82
C ALA A 282 23.95 -3.66 -5.37
N LYS A 283 22.88 -2.89 -5.16
CA LYS A 283 21.57 -3.27 -5.69
C LYS A 283 20.83 -2.12 -6.36
N GLY A 284 20.70 -1.00 -5.64
CA GLY A 284 20.03 0.16 -6.21
C GLY A 284 19.51 1.11 -5.16
N PHE A 285 18.82 2.15 -5.63
CA PHE A 285 18.12 3.07 -4.76
C PHE A 285 16.76 3.43 -5.35
N PHE A 286 15.87 3.92 -4.50
CA PHE A 286 14.64 4.53 -4.99
C PHE A 286 14.37 5.83 -4.24
N MET A 287 13.57 6.70 -4.86
CA MET A 287 13.17 7.93 -4.19
C MET A 287 11.67 8.13 -4.34
N GLU A 288 11.12 8.96 -3.46
CA GLU A 288 9.67 8.98 -3.30
C GLU A 288 9.00 9.46 -4.58
N PRO A 289 7.75 9.03 -4.79
CA PRO A 289 6.99 9.31 -6.01
C PRO A 289 6.87 10.81 -6.26
N ASP A 290 6.94 11.21 -7.53
CA ASP A 290 6.93 12.63 -7.87
C ASP A 290 5.53 13.22 -7.74
N GLU A 291 5.48 14.52 -7.50
CA GLU A 291 4.23 15.19 -7.15
C GLU A 291 3.25 15.24 -8.32
N ASP A 292 3.78 15.23 -9.55
CA ASP A 292 2.95 15.49 -10.72
C ASP A 292 2.37 14.21 -11.33
N LYS A 293 3.19 13.18 -11.47
CA LYS A 293 2.75 11.95 -12.12
C LYS A 293 2.69 10.77 -11.14
N HIS A 294 3.08 11.00 -9.90
CA HIS A 294 3.08 9.94 -8.89
C HIS A 294 3.93 8.75 -9.31
N GLU A 295 5.07 9.02 -9.93
CA GLU A 295 5.93 7.95 -10.41
C GLU A 295 7.11 7.72 -9.48
N LEU A 296 7.31 6.46 -9.12
CA LEU A 296 8.37 6.05 -8.22
C LEU A 296 9.59 5.58 -9.03
N LYS A 297 10.71 6.28 -8.88
CA LYS A 297 11.91 5.95 -9.65
C LYS A 297 12.79 4.96 -8.93
N ILE A 298 13.22 3.94 -9.67
CA ILE A 298 14.26 3.01 -9.22
C ILE A 298 15.48 3.04 -10.15
N CYS A 299 16.66 3.16 -9.56
CA CYS A 299 17.91 2.90 -10.27
C CYS A 299 18.53 1.62 -9.77
N ASP A 300 18.90 0.73 -10.69
CA ASP A 300 19.67 -0.45 -10.33
C ASP A 300 21.15 -0.10 -10.38
N GLU A 301 21.86 -0.39 -9.29
CA GLU A 301 23.24 0.06 -9.17
C GLU A 301 24.20 -0.97 -9.77
N HIS A 302 25.16 -0.47 -10.54
CA HIS A 302 26.17 -1.30 -11.18
C HIS A 302 27.28 -0.36 -11.67
N PRO A 303 28.37 -0.92 -12.22
CA PRO A 303 29.51 -0.05 -12.45
C PRO A 303 29.35 0.79 -13.73
N GLY A 304 28.32 0.50 -14.50
CA GLY A 304 27.96 1.34 -15.65
C GLY A 304 28.00 0.59 -16.96
N TYR A 305 27.22 1.07 -17.92
CA TYR A 305 27.35 0.66 -19.32
C TYR A 305 28.18 1.66 -20.09
N CYS A 306 29.11 1.14 -20.89
CA CYS A 306 29.74 1.94 -21.93
C CYS A 306 29.26 1.48 -23.30
N ASN A 307 29.51 2.30 -24.31
CA ASN A 307 29.18 1.94 -25.68
C ASN A 307 30.42 1.94 -26.56
N PHE A 308 31.18 0.86 -26.49
CA PHE A 308 32.57 0.88 -26.93
C PHE A 308 32.65 0.75 -28.45
N LEU A 309 33.07 1.81 -29.11
CA LEU A 309 33.29 1.80 -30.56
C LEU A 309 34.73 2.19 -30.86
N PRO A 310 35.20 1.91 -32.08
CA PRO A 310 36.57 2.29 -32.46
C PRO A 310 36.80 3.79 -32.30
N ASP A 311 37.90 4.15 -31.65
CA ASP A 311 38.32 5.55 -31.55
C ASP A 311 38.83 6.06 -32.90
N PRO A 312 38.10 7.01 -33.49
CA PRO A 312 38.41 7.47 -34.85
C PRO A 312 39.81 8.06 -34.96
N ASN A 313 40.40 8.44 -33.83
CA ASN A 313 41.70 9.09 -33.82
C ASN A 313 42.80 8.28 -33.14
N ARG A 314 42.47 7.08 -32.67
CA ARG A 314 43.44 6.24 -31.97
C ARG A 314 43.33 4.80 -32.47
N PRO A 315 44.03 4.50 -33.58
CA PRO A 315 43.89 3.19 -34.23
C PRO A 315 44.06 2.05 -33.25
N GLY A 316 43.13 1.10 -33.27
CA GLY A 316 43.21 -0.09 -32.44
C GLY A 316 42.63 0.11 -31.05
N GLN A 317 42.15 1.32 -30.76
CA GLN A 317 41.63 1.63 -29.43
C GLN A 317 40.14 1.89 -29.47
N GLU A 318 39.50 1.84 -28.31
CA GLU A 318 38.06 2.07 -28.23
C GLU A 318 37.73 3.35 -27.46
N LYS A 319 36.54 3.86 -27.73
CA LYS A 319 36.05 5.09 -27.13
C LYS A 319 34.54 4.92 -26.93
N SER A 320 34.06 5.18 -25.72
CA SER A 320 32.65 5.03 -25.42
C SER A 320 31.84 6.20 -25.95
N VAL A 321 30.84 5.92 -26.77
CA VAL A 321 30.05 6.96 -27.43
C VAL A 321 28.59 6.88 -26.99
N PRO A 322 28.06 7.96 -26.41
CA PRO A 322 26.68 7.98 -25.92
C PRO A 322 25.65 7.89 -27.05
N PHE A 323 24.51 7.27 -26.76
CA PHE A 323 23.31 7.40 -27.56
C PHE A 323 22.11 7.48 -26.62
N ALA A 324 21.00 8.00 -27.11
CA ALA A 324 19.81 8.19 -26.28
C ALA A 324 18.82 7.05 -26.49
N LYS A 325 18.16 6.64 -25.42
CA LYS A 325 17.08 5.67 -25.52
C LYS A 325 16.15 5.77 -24.32
N HIS A 326 14.84 5.77 -24.59
CA HIS A 326 13.84 5.70 -23.54
C HIS A 326 13.37 4.28 -23.33
N GLN A 327 14.33 3.36 -23.30
CA GLN A 327 14.15 2.04 -22.70
C GLN A 327 15.41 1.71 -21.92
N ILE A 328 15.39 0.60 -21.19
CA ILE A 328 16.60 0.07 -20.57
C ILE A 328 16.74 -1.42 -20.88
N PRO A 329 17.96 -1.96 -20.75
CA PRO A 329 18.10 -3.39 -20.97
C PRO A 329 17.25 -4.20 -20.00
N LEU A 330 16.70 -5.30 -20.49
CA LEU A 330 15.89 -6.19 -19.67
C LEU A 330 16.63 -6.65 -18.43
N GLU A 331 17.95 -6.81 -18.54
CA GLU A 331 18.78 -7.19 -17.40
C GLU A 331 18.77 -6.10 -16.32
N ALA A 332 18.61 -4.86 -16.74
CA ALA A 332 18.54 -3.74 -15.80
C ALA A 332 17.20 -3.69 -15.08
N GLU A 333 16.10 -3.88 -15.83
CA GLU A 333 14.78 -4.00 -15.23
C GLU A 333 14.77 -5.12 -14.18
N ALA A 334 15.44 -6.22 -14.48
CA ALA A 334 15.43 -7.38 -13.59
C ALA A 334 16.19 -7.08 -12.30
N ARG A 335 17.26 -6.31 -12.40
CA ARG A 335 18.01 -5.89 -11.22
C ARG A 335 17.19 -4.92 -10.37
N ALA A 336 16.44 -4.05 -11.04
CA ALA A 336 15.54 -3.13 -10.33
C ALA A 336 14.45 -3.88 -9.59
N ARG A 337 13.92 -4.92 -10.20
CA ARG A 337 12.88 -5.72 -9.55
C ARG A 337 13.45 -6.56 -8.41
N ASP A 338 14.72 -6.95 -8.53
CA ASP A 338 15.43 -7.61 -7.44
C ASP A 338 15.55 -6.68 -6.22
N PHE A 339 15.90 -5.43 -6.47
CA PHE A 339 15.97 -4.43 -5.41
C PHE A 339 14.61 -4.28 -4.74
N LEU A 340 13.55 -4.30 -5.52
CA LEU A 340 12.20 -4.15 -5.00
C LEU A 340 11.77 -5.36 -4.17
N HIS A 341 12.21 -6.55 -4.55
CA HIS A 341 11.83 -7.76 -3.85
CA HIS A 341 11.80 -7.74 -3.83
C HIS A 341 12.34 -7.71 -2.41
N ASP A 342 13.54 -7.19 -2.24
CA ASP A 342 14.17 -7.10 -0.91
C ASP A 342 13.48 -6.08 -0.01
N THR A 343 12.92 -5.03 -0.62
CA THR A 343 12.59 -3.80 0.10
C THR A 343 11.09 -3.54 0.09
N MET A 344 10.50 -3.60 -1.11
CA MET A 344 9.09 -3.32 -1.31
C MET A 344 8.47 -4.36 -2.24
N PRO A 345 8.40 -5.61 -1.78
CA PRO A 345 8.02 -6.73 -2.65
C PRO A 345 6.61 -6.59 -3.19
N HIS A 346 5.77 -5.80 -2.53
CA HIS A 346 4.42 -5.55 -3.03
C HIS A 346 4.41 -4.77 -4.34
N LEU A 347 5.56 -4.17 -4.69
CA LEU A 347 5.66 -3.40 -5.94
C LEU A 347 6.45 -4.13 -7.03
N ALA A 348 7.12 -5.22 -6.67
CA ALA A 348 8.20 -5.78 -7.49
C ALA A 348 7.70 -6.28 -8.85
N ASP A 349 6.40 -6.52 -8.98
CA ASP A 349 5.84 -7.04 -10.23
C ASP A 349 5.05 -6.00 -11.01
N ARG A 350 5.07 -4.75 -10.55
CA ARG A 350 4.32 -3.70 -11.23
C ARG A 350 4.95 -3.38 -12.59
N PRO A 351 4.11 -3.09 -13.58
CA PRO A 351 4.61 -2.67 -14.89
C PRO A 351 5.34 -1.34 -14.82
N LEU A 352 6.35 -1.17 -15.65
CA LEU A 352 7.06 0.10 -15.75
C LEU A 352 6.23 1.07 -16.57
N SER A 353 6.21 2.34 -16.14
CA SER A 353 5.55 3.39 -16.89
C SER A 353 6.53 4.18 -17.76
N PHE A 354 7.82 4.08 -17.41
CA PHE A 354 8.87 4.83 -18.11
C PHE A 354 10.22 4.23 -17.73
N ALA A 355 11.15 4.26 -18.67
CA ALA A 355 12.54 3.90 -18.39
C ALA A 355 13.45 4.61 -19.38
N ARG A 356 14.68 4.90 -18.96
CA ARG A 356 15.68 5.37 -19.91
C ARG A 356 17.09 5.11 -19.43
N ILE A 357 18.03 5.17 -20.36
CA ILE A 357 19.42 5.26 -20.00
C ILE A 357 19.84 6.72 -19.90
N CYS A 358 20.89 6.95 -19.12
CA CYS A 358 21.23 8.28 -18.64
C CYS A 358 22.75 8.34 -18.54
N TRP A 359 23.35 9.32 -19.24
CA TRP A 359 24.80 9.33 -19.45
C TRP A 359 25.49 10.41 -18.60
N ASP A 360 26.60 10.03 -17.99
CA ASP A 360 27.52 10.98 -17.37
C ASP A 360 28.92 10.65 -17.90
N ALA A 361 29.93 11.35 -17.42
CA ALA A 361 31.30 10.97 -17.73
C ALA A 361 32.16 10.94 -16.48
N ASP A 362 32.89 9.83 -16.32
CA ASP A 362 33.82 9.67 -15.21
C ASP A 362 35.21 10.15 -15.62
N THR A 363 35.85 10.89 -14.72
CA THR A 363 37.29 11.08 -14.75
C THR A 363 38.00 9.90 -14.10
N PRO A 364 39.34 9.90 -14.13
CA PRO A 364 40.01 8.68 -13.68
C PRO A 364 39.93 8.50 -12.16
N ASP A 365 39.70 9.59 -11.45
CA ASP A 365 39.58 9.54 -9.99
C ASP A 365 38.21 10.03 -9.53
N ARG A 366 37.31 10.21 -10.49
CA ARG A 366 35.94 10.65 -10.24
C ARG A 366 35.85 11.92 -9.39
N ALA A 367 36.88 12.77 -9.50
CA ALA A 367 36.73 14.19 -9.21
C ALA A 367 36.40 14.99 -10.48
N PHE A 368 35.82 16.16 -10.29
CA PHE A 368 35.41 17.00 -11.40
C PHE A 368 36.60 17.46 -12.22
N LEU A 369 36.33 17.92 -13.44
CA LEU A 369 37.35 18.53 -14.28
C LEU A 369 36.94 19.93 -14.70
N ILE A 370 37.43 20.91 -13.95
CA ILE A 370 37.06 22.30 -14.14
C ILE A 370 38.32 23.16 -14.18
N ASP A 371 38.71 23.60 -15.38
CA ASP A 371 40.00 24.26 -15.56
C ASP A 371 40.05 24.94 -16.91
N ARG A 372 40.88 25.97 -17.01
CA ARG A 372 41.30 26.52 -18.29
CA ARG A 372 41.28 26.50 -18.29
C ARG A 372 42.20 25.53 -19.01
N HIS A 373 42.02 25.40 -20.32
CA HIS A 373 42.85 24.53 -21.13
C HIS A 373 44.24 25.13 -21.31
N PRO A 374 45.29 24.37 -21.00
CA PRO A 374 46.64 24.91 -20.89
C PRO A 374 47.21 25.35 -22.24
N GLU A 375 46.66 24.84 -23.33
CA GLU A 375 47.10 25.22 -24.67
C GLU A 375 46.13 26.16 -25.36
N HIS A 376 44.92 26.26 -24.82
CA HIS A 376 43.92 27.18 -25.35
C HIS A 376 43.23 27.94 -24.23
N PRO A 377 43.84 29.06 -23.81
CA PRO A 377 43.49 29.66 -22.52
C PRO A 377 42.12 30.33 -22.51
N SER A 378 41.53 30.54 -23.69
CA SER A 378 40.19 31.12 -23.77
C SER A 378 39.12 30.06 -23.54
N LEU A 379 39.53 28.79 -23.54
CA LEU A 379 38.62 27.68 -23.31
C LEU A 379 38.64 27.27 -21.84
N LEU A 380 37.45 27.23 -21.23
CA LEU A 380 37.28 26.64 -19.92
C LEU A 380 36.48 25.35 -20.07
N VAL A 381 37.00 24.25 -19.54
CA VAL A 381 36.24 23.01 -19.48
C VAL A 381 35.60 22.81 -18.11
N ALA A 382 34.35 22.38 -18.11
CA ALA A 382 33.63 22.11 -16.88
C ALA A 382 32.81 20.83 -17.04
N VAL A 383 33.48 19.72 -16.74
CA VAL A 383 33.00 18.40 -17.12
C VAL A 383 33.38 17.41 -16.03
N GLY A 384 33.00 16.14 -16.21
CA GLY A 384 33.44 15.07 -15.34
C GLY A 384 32.61 14.95 -14.08
N GLY A 385 31.29 15.09 -14.22
CA GLY A 385 30.39 14.97 -13.07
C GLY A 385 30.58 13.66 -12.31
N SER A 386 30.95 12.61 -13.03
CA SER A 386 31.40 11.36 -12.40
C SER A 386 30.39 10.82 -11.39
N GLY A 387 29.11 10.95 -11.71
CA GLY A 387 28.06 10.34 -10.89
C GLY A 387 27.65 11.17 -9.69
N ASN A 388 28.20 12.38 -9.57
CA ASN A 388 28.04 13.20 -8.36
C ASN A 388 27.77 14.67 -8.69
N GLY A 389 27.37 14.95 -9.92
CA GLY A 389 27.34 16.32 -10.42
C GLY A 389 26.02 17.04 -10.19
N ALA A 390 24.93 16.30 -10.07
CA ALA A 390 23.60 16.92 -10.04
C ALA A 390 23.37 17.68 -8.74
N MET A 391 23.81 17.10 -7.63
CA MET A 391 23.64 17.74 -6.34
C MET A 391 24.42 19.06 -6.25
N GLN A 392 25.34 19.27 -7.18
CA GLN A 392 26.14 20.50 -7.21
C GLN A 392 25.42 21.67 -7.89
N MET A 393 24.21 21.42 -8.40
CA MET A 393 23.59 22.36 -9.34
C MET A 393 23.58 23.82 -8.85
N PRO A 394 23.24 24.06 -7.58
CA PRO A 394 23.02 25.44 -7.16
C PRO A 394 24.29 26.27 -7.19
N THR A 395 25.43 25.62 -7.02
CA THR A 395 26.68 26.32 -6.73
C THR A 395 27.76 26.07 -7.78
N ILE A 396 27.62 25.01 -8.56
CA ILE A 396 28.71 24.59 -9.45
C ILE A 396 29.04 25.69 -10.47
N GLY A 397 28.02 26.46 -10.84
CA GLY A 397 28.21 27.61 -11.72
C GLY A 397 29.04 28.72 -11.09
N GLY A 398 29.06 28.78 -9.76
CA GLY A 398 29.90 29.74 -9.05
C GLY A 398 31.36 29.33 -9.10
N PHE A 399 31.63 28.05 -8.90
CA PHE A 399 32.98 27.51 -9.01
C PHE A 399 33.49 27.64 -10.43
N ILE A 400 32.61 27.40 -11.39
CA ILE A 400 32.96 27.49 -12.80
C ILE A 400 33.25 28.94 -13.21
N ALA A 401 32.47 29.86 -12.66
CA ALA A 401 32.69 31.30 -12.89
C ALA A 401 33.98 31.77 -12.22
N ASP A 402 34.28 31.20 -11.04
CA ASP A 402 35.53 31.49 -10.36
C ASP A 402 36.72 31.06 -11.23
N ALA A 403 36.63 29.86 -11.80
CA ALA A 403 37.68 29.36 -12.69
C ALA A 403 37.85 30.26 -13.92
N LEU A 404 36.72 30.69 -14.47
CA LEU A 404 36.75 31.60 -15.62
C LEU A 404 37.52 32.86 -15.26
N GLU A 405 37.39 33.28 -14.01
CA GLU A 405 37.99 34.54 -13.53
C GLU A 405 39.32 34.29 -12.84
N SER A 406 39.85 33.08 -12.97
CA SER A 406 41.15 32.72 -12.42
C SER A 406 41.21 32.91 -10.91
N LYS A 407 40.13 32.58 -10.21
CA LYS A 407 40.12 32.65 -8.76
C LYS A 407 39.39 31.47 -8.13
N LEU A 408 39.51 30.30 -8.75
CA LEU A 408 38.98 29.07 -8.18
C LEU A 408 39.73 28.76 -6.88
N GLN A 409 38.99 28.58 -5.80
CA GLN A 409 39.60 28.57 -4.47
C GLN A 409 40.55 27.40 -4.30
N LYS A 410 41.51 27.54 -3.40
CA LYS A 410 42.63 26.59 -3.33
C LYS A 410 42.19 25.22 -2.83
N GLU A 411 41.07 25.16 -2.15
CA GLU A 411 40.60 23.89 -1.58
C GLU A 411 40.19 22.88 -2.66
N VAL A 412 39.87 23.38 -3.86
CA VAL A 412 39.41 22.49 -4.93
C VAL A 412 40.27 22.55 -6.19
N LYS A 413 40.94 23.68 -6.42
CA LYS A 413 41.41 23.99 -7.77
C LYS A 413 42.43 22.98 -8.29
N ASP A 414 43.24 22.42 -7.40
CA ASP A 414 44.27 21.48 -7.82
C ASP A 414 43.75 20.05 -7.92
N ILE A 415 42.59 19.82 -7.31
CA ILE A 415 41.93 18.51 -7.43
C ILE A 415 41.17 18.40 -8.76
N VAL A 416 40.63 19.51 -9.23
CA VAL A 416 39.79 19.48 -10.44
C VAL A 416 40.50 20.06 -11.66
N ARG A 417 41.83 20.13 -11.59
CA ARG A 417 42.64 20.65 -12.67
C ARG A 417 42.71 19.70 -13.88
N TRP A 418 43.03 20.28 -15.03
CA TRP A 418 43.45 19.53 -16.21
C TRP A 418 44.63 18.59 -15.89
N ARG A 419 44.45 17.30 -16.18
CA ARG A 419 45.37 16.28 -15.67
C ARG A 419 45.40 15.04 -16.56
N PRO A 420 45.79 15.22 -17.83
CA PRO A 420 45.88 14.11 -18.79
C PRO A 420 46.88 13.04 -18.38
N GLU A 421 47.86 13.41 -17.55
CA GLU A 421 48.86 12.45 -17.09
C GLU A 421 48.24 11.34 -16.26
N THR A 422 47.04 11.60 -15.71
CA THR A 422 46.36 10.59 -14.90
C THR A 422 45.64 9.56 -15.76
N ALA A 423 45.52 9.83 -17.07
CA ALA A 423 44.67 9.03 -17.93
C ALA A 423 45.45 8.23 -18.97
N VAL A 424 46.77 8.28 -18.89
CA VAL A 424 47.60 7.57 -19.86
C VAL A 424 47.35 6.07 -19.72
N ASP A 425 47.05 5.42 -20.84
CA ASP A 425 46.75 3.98 -20.84
C ASP A 425 45.55 3.65 -19.93
N ARG A 426 44.60 4.57 -19.84
CA ARG A 426 43.45 4.37 -18.98
C ARG A 426 42.76 3.04 -19.30
N ASP A 427 42.40 2.30 -18.26
CA ASP A 427 41.59 1.09 -18.40
C ASP A 427 40.11 1.41 -18.32
N TRP A 428 39.44 1.37 -19.47
CA TRP A 428 38.05 1.81 -19.56
C TRP A 428 37.13 0.92 -18.73
N ARG A 429 37.59 -0.28 -18.41
CA ARG A 429 36.74 -1.27 -17.78
C ARG A 429 37.00 -1.36 -16.28
N ALA A 430 37.77 -0.42 -15.75
CA ALA A 430 37.87 -0.24 -14.32
C ALA A 430 36.50 0.11 -13.73
N THR A 431 36.16 -0.52 -12.61
CA THR A 431 34.85 -0.34 -12.01
C THR A 431 34.76 0.89 -11.09
N GLN A 432 35.91 1.52 -10.85
CA GLN A 432 35.95 2.87 -10.26
C GLN A 432 35.00 3.00 -9.05
N ASN A 433 35.14 2.06 -8.12
CA ASN A 433 34.49 2.12 -6.81
C ASN A 433 32.98 2.09 -6.92
N ARG A 434 32.47 1.48 -7.97
CA ARG A 434 31.07 1.09 -8.02
C ARG A 434 30.92 -0.43 -7.90
N PHE A 435 29.72 -0.84 -7.52
CA PHE A 435 29.41 -2.25 -7.31
C PHE A 435 28.03 -2.55 -7.86
N GLY A 436 27.70 -3.83 -7.95
CA GLY A 436 26.36 -4.25 -8.33
C GLY A 436 26.33 -4.93 -9.68
N GLY A 437 25.25 -5.65 -9.94
CA GLY A 437 25.09 -6.37 -11.19
C GLY A 437 26.20 -7.38 -11.38
N PRO A 438 26.86 -7.35 -12.54
CA PRO A 438 27.96 -8.26 -12.79
C PRO A 438 29.28 -7.82 -12.16
N ASP A 439 29.28 -6.68 -11.48
CA ASP A 439 30.52 -6.13 -10.95
C ASP A 439 31.58 -6.00 -12.05
N ARG A 440 31.16 -5.58 -13.23
CA ARG A 440 32.07 -5.15 -14.26
C ARG A 440 31.40 -4.11 -15.13
N ILE A 441 32.21 -3.30 -15.81
CA ILE A 441 31.70 -2.40 -16.83
C ILE A 441 31.07 -3.19 -17.97
N MET A 442 29.85 -2.84 -18.32
CA MET A 442 29.10 -3.54 -19.37
CA MET A 442 29.14 -3.56 -19.38
C MET A 442 29.13 -2.73 -20.67
N ASP A 443 28.85 -3.40 -21.78
CA ASP A 443 28.99 -2.77 -23.11
C ASP A 443 27.67 -2.88 -23.87
N PHE A 444 27.09 -1.74 -24.23
CA PHE A 444 25.84 -1.73 -24.99
C PHE A 444 25.95 -2.47 -26.32
N GLN A 445 27.15 -2.54 -26.87
CA GLN A 445 27.35 -3.25 -28.13
C GLN A 445 27.11 -4.75 -27.96
N GLN A 446 27.03 -5.21 -26.72
CA GLN A 446 26.80 -6.63 -26.44
C GLN A 446 25.38 -6.86 -25.93
N VAL A 447 24.58 -5.80 -25.90
CA VAL A 447 23.16 -5.94 -25.62
C VAL A 447 22.36 -6.12 -26.91
N GLY A 448 21.64 -7.23 -27.01
CA GLY A 448 20.88 -7.55 -28.21
C GLY A 448 19.77 -6.54 -28.47
N GLU A 449 19.42 -6.36 -29.74
CA GLU A 449 18.39 -5.41 -30.13
C GLU A 449 17.05 -5.74 -29.49
N ASP A 450 16.80 -7.02 -29.25
CA ASP A 450 15.53 -7.45 -28.68
C ASP A 450 15.59 -7.61 -27.17
N GLN A 451 16.66 -7.12 -26.56
CA GLN A 451 16.87 -7.31 -25.13
C GLN A 451 16.72 -6.01 -24.35
N TRP A 452 15.76 -5.19 -24.79
CA TRP A 452 15.40 -3.94 -24.08
C TRP A 452 13.96 -4.02 -23.60
N THR A 453 13.62 -3.17 -22.64
CA THR A 453 12.21 -2.96 -22.30
C THR A 453 11.46 -2.43 -23.52
N LYS A 454 10.13 -2.62 -23.52
CA LYS A 454 9.31 -2.28 -24.67
C LYS A 454 8.12 -1.46 -24.20
N ILE A 455 8.39 -0.52 -23.30
CA ILE A 455 7.35 0.33 -22.74
C ILE A 455 6.76 1.22 -23.83
N GLY A 456 5.44 1.18 -23.98
CA GLY A 456 4.75 2.05 -24.91
C GLY A 456 4.64 1.45 -26.31
N GLU A 457 5.23 0.27 -26.50
CA GLU A 457 5.15 -0.41 -27.78
C GLU A 457 3.89 -1.26 -27.87
N SER A 458 3.35 -1.37 -29.08
CA SER A 458 2.00 -1.93 -29.26
C SER A 458 1.89 -3.31 -28.62
N SER B 23 -48.16 -32.26 5.03
CA SER B 23 -47.70 -32.85 3.75
C SER B 23 -47.11 -31.76 2.85
N THR B 24 -46.58 -32.17 1.70
CA THR B 24 -46.00 -31.26 0.74
C THR B 24 -47.06 -30.39 0.06
N GLU B 25 -48.33 -30.67 0.35
CA GLU B 25 -49.43 -29.86 -0.18
C GLU B 25 -49.93 -28.84 0.84
N SER B 26 -49.48 -28.95 2.09
CA SER B 26 -49.90 -28.04 3.15
C SER B 26 -49.34 -26.63 2.93
N SER B 27 -50.14 -25.62 3.24
CA SER B 27 -49.71 -24.24 3.09
C SER B 27 -48.76 -23.85 4.23
N ILE B 28 -47.67 -23.21 3.86
CA ILE B 28 -46.68 -22.76 4.83
C ILE B 28 -46.38 -21.28 4.64
N ILE B 29 -46.34 -20.54 5.74
CA ILE B 29 -45.89 -19.16 5.73
C ILE B 29 -44.58 -19.02 6.49
N VAL B 30 -43.61 -18.37 5.86
CA VAL B 30 -42.36 -18.03 6.50
C VAL B 30 -42.29 -16.53 6.75
N ILE B 31 -42.18 -16.15 8.01
CA ILE B 31 -42.09 -14.73 8.36
C ILE B 31 -40.63 -14.32 8.49
N GLY B 32 -40.16 -13.54 7.51
CA GLY B 32 -38.78 -13.11 7.46
C GLY B 32 -38.04 -13.75 6.32
N ALA B 33 -37.62 -12.93 5.36
CA ALA B 33 -36.84 -13.40 4.21
C ALA B 33 -35.39 -12.98 4.35
N GLY B 34 -34.80 -13.24 5.50
CA GLY B 34 -33.38 -12.97 5.71
C GLY B 34 -32.55 -14.23 5.57
N THR B 35 -31.50 -14.32 6.36
CA THR B 35 -30.55 -15.43 6.27
C THR B 35 -31.28 -16.76 6.36
N TRP B 36 -32.03 -16.94 7.44
CA TRP B 36 -32.62 -18.24 7.76
C TRP B 36 -33.93 -18.46 7.01
N GLY B 37 -34.65 -17.38 6.73
CA GLY B 37 -35.93 -17.46 6.02
C GLY B 37 -35.76 -17.88 4.57
N CYS B 38 -34.77 -17.29 3.89
CA CYS B 38 -34.46 -17.67 2.51
C CYS B 38 -33.91 -19.10 2.44
N SER B 39 -33.09 -19.48 3.41
CA SER B 39 -32.59 -20.85 3.45
C SER B 39 -33.75 -21.84 3.62
N THR B 40 -34.64 -21.54 4.57
CA THR B 40 -35.78 -22.39 4.84
C THR B 40 -36.67 -22.53 3.61
N ALA B 41 -36.93 -21.42 2.92
CA ALA B 41 -37.76 -21.43 1.73
C ALA B 41 -37.16 -22.34 0.67
N LEU B 42 -35.85 -22.26 0.51
CA LEU B 42 -35.12 -23.04 -0.49
C LEU B 42 -35.20 -24.53 -0.16
N HIS B 43 -35.04 -24.87 1.11
CA HIS B 43 -35.04 -26.27 1.51
C HIS B 43 -36.44 -26.90 1.46
N LEU B 44 -37.46 -26.12 1.76
CA LEU B 44 -38.83 -26.60 1.64
C LEU B 44 -39.19 -26.87 0.19
N ALA B 45 -38.79 -25.96 -0.70
CA ALA B 45 -38.99 -26.15 -2.13
C ALA B 45 -38.26 -27.40 -2.61
N ARG B 46 -37.07 -27.65 -2.06
CA ARG B 46 -36.24 -28.77 -2.52
C ARG B 46 -36.83 -30.10 -2.06
N ARG B 47 -37.63 -30.06 -1.00
CA ARG B 47 -38.28 -31.25 -0.48
C ARG B 47 -39.67 -31.44 -1.06
N GLY B 48 -40.04 -30.56 -1.99
CA GLY B 48 -41.25 -30.74 -2.78
C GLY B 48 -42.48 -30.05 -2.22
N TYR B 49 -42.28 -29.12 -1.29
CA TYR B 49 -43.40 -28.33 -0.77
C TYR B 49 -43.88 -27.33 -1.81
N LYS B 50 -45.18 -27.33 -2.08
CA LYS B 50 -45.70 -26.68 -3.27
C LYS B 50 -46.34 -25.33 -2.96
N ASP B 51 -46.57 -25.07 -1.67
CA ASP B 51 -47.34 -23.89 -1.29
C ASP B 51 -46.65 -23.12 -0.16
N VAL B 52 -45.57 -22.44 -0.49
CA VAL B 52 -44.77 -21.72 0.49
C VAL B 52 -44.79 -20.24 0.18
N THR B 53 -45.18 -19.44 1.16
CA THR B 53 -45.20 -17.98 1.02
C THR B 53 -44.32 -17.35 2.08
N VAL B 54 -43.45 -16.44 1.65
CA VAL B 54 -42.50 -15.79 2.54
C VAL B 54 -42.81 -14.29 2.62
N LEU B 55 -42.92 -13.77 3.84
CA LEU B 55 -43.32 -12.38 4.05
C LEU B 55 -42.17 -11.61 4.66
N ASP B 56 -41.86 -10.46 4.07
CA ASP B 56 -40.88 -9.53 4.64
C ASP B 56 -41.28 -8.10 4.34
N PRO B 57 -41.02 -7.18 5.28
CA PRO B 57 -41.33 -5.76 5.04
C PRO B 57 -40.44 -5.12 4.01
N HIS B 58 -39.31 -5.76 3.70
CA HIS B 58 -38.35 -5.21 2.75
C HIS B 58 -38.08 -6.20 1.63
N PRO B 59 -37.70 -5.69 0.45
CA PRO B 59 -37.14 -6.51 -0.62
C PRO B 59 -35.78 -7.10 -0.26
N VAL B 60 -35.55 -8.32 -0.71
CA VAL B 60 -34.28 -9.00 -0.49
C VAL B 60 -33.18 -8.34 -1.33
N PRO B 61 -32.04 -8.02 -0.71
CA PRO B 61 -31.76 -8.26 0.70
C PRO B 61 -32.23 -7.12 1.59
N SER B 62 -32.83 -7.44 2.72
CA SER B 62 -33.40 -6.43 3.60
C SER B 62 -32.29 -5.56 4.18
N PRO B 63 -32.52 -4.25 4.26
CA PRO B 63 -31.55 -3.34 4.87
C PRO B 63 -31.33 -3.61 6.36
N ILE B 64 -32.28 -4.29 6.99
CA ILE B 64 -32.15 -4.58 8.42
C ILE B 64 -31.79 -6.05 8.69
N ALA B 65 -31.58 -6.84 7.65
CA ALA B 65 -31.12 -8.21 7.82
C ALA B 65 -29.66 -8.24 8.27
N ALA B 66 -29.38 -8.96 9.34
CA ALA B 66 -27.99 -9.19 9.77
C ALA B 66 -27.18 -9.86 8.66
N GLY B 67 -27.85 -10.68 7.85
CA GLY B 67 -27.17 -11.40 6.77
C GLY B 67 -26.91 -10.54 5.56
N ASN B 68 -27.44 -9.32 5.56
CA ASN B 68 -27.16 -8.38 4.48
C ASN B 68 -25.83 -7.67 4.70
N ASP B 69 -24.76 -8.32 4.27
CA ASP B 69 -23.40 -7.89 4.60
C ASP B 69 -22.47 -8.41 3.51
N ILE B 70 -21.49 -7.61 3.12
CA ILE B 70 -20.59 -8.01 2.03
C ILE B 70 -19.72 -9.19 2.44
N ASN B 71 -19.61 -9.45 3.73
CA ASN B 71 -18.90 -10.64 4.20
C ASN B 71 -19.19 -11.03 5.65
N LYS B 72 -19.12 -12.33 5.90
CA LYS B 72 -19.20 -12.88 7.23
C LYS B 72 -18.14 -13.97 7.37
N ILE B 73 -17.83 -14.34 8.60
CA ILE B 73 -16.90 -15.42 8.87
C ILE B 73 -17.59 -16.78 8.75
N MET B 74 -16.93 -17.72 8.08
CA MET B 74 -17.31 -19.13 8.12
C MET B 74 -16.18 -19.95 8.72
N GLU B 75 -16.50 -20.78 9.71
CA GLU B 75 -15.52 -21.71 10.27
C GLU B 75 -16.18 -23.01 10.69
N HIS B 76 -15.53 -24.12 10.40
CA HIS B 76 -15.93 -25.41 10.92
C HIS B 76 -14.77 -26.05 11.67
N SER B 77 -15.02 -26.46 12.91
CA SER B 77 -14.07 -27.27 13.68
C SER B 77 -14.72 -28.56 14.18
N GLU B 78 -14.05 -29.68 13.97
CA GLU B 78 -14.40 -30.93 14.62
C GLU B 78 -13.78 -30.99 16.02
N LEU B 79 -14.54 -31.53 16.98
CA LEU B 79 -14.08 -31.66 18.35
C LEU B 79 -13.34 -32.98 18.54
N LYS B 80 -12.35 -32.99 19.43
CA LYS B 80 -11.75 -34.23 19.89
C LYS B 80 -12.80 -35.06 20.63
N ASP B 81 -12.73 -36.38 20.46
CA ASP B 81 -13.65 -37.28 21.14
C ASP B 81 -13.70 -37.02 22.63
N GLY B 82 -12.54 -36.76 23.22
CA GLY B 82 -12.41 -36.71 24.67
C GLY B 82 -12.79 -35.36 25.26
N SER B 83 -13.07 -34.39 24.39
CA SER B 83 -13.32 -33.03 24.83
C SER B 83 -14.59 -32.45 24.20
N SER B 84 -15.60 -33.30 24.06
CA SER B 84 -16.89 -32.85 23.56
C SER B 84 -17.84 -32.53 24.71
N ASP B 85 -18.66 -31.50 24.50
CA ASP B 85 -19.90 -31.33 25.23
C ASP B 85 -21.06 -31.12 24.24
N PRO B 86 -22.30 -31.31 24.71
CA PRO B 86 -23.46 -31.38 23.83
C PRO B 86 -23.67 -30.12 23.00
N ARG B 87 -23.48 -28.96 23.60
CA ARG B 87 -23.74 -27.70 22.92
C ARG B 87 -22.76 -27.47 21.76
N SER B 88 -21.49 -27.78 22.00
CA SER B 88 -20.46 -27.56 20.99
C SER B 88 -20.48 -28.69 19.96
N ALA B 89 -20.94 -29.88 20.37
CA ALA B 89 -21.10 -30.97 19.42
C ALA B 89 -22.23 -30.66 18.43
N ALA B 90 -23.30 -30.08 18.94
CA ALA B 90 -24.41 -29.67 18.09
C ALA B 90 -23.98 -28.56 17.12
N PHE B 91 -23.18 -27.62 17.61
CA PHE B 91 -22.69 -26.55 16.76
C PHE B 91 -21.79 -27.10 15.66
N SER B 92 -20.96 -28.07 16.01
N SER B 92 -20.97 -28.08 16.01
CA SER B 92 -20.09 -28.72 15.03
CA SER B 92 -20.09 -28.72 15.04
C SER B 92 -20.89 -29.43 13.95
C SER B 92 -20.89 -29.44 13.96
N THR B 93 -22.04 -29.99 14.35
CA THR B 93 -22.94 -30.63 13.40
C THR B 93 -23.54 -29.63 12.41
N PHE B 94 -23.91 -28.45 12.90
CA PHE B 94 -24.36 -27.37 12.02
C PHE B 94 -23.28 -26.96 11.02
N THR B 95 -22.07 -26.70 11.52
CA THR B 95 -21.01 -26.17 10.66
C THR B 95 -20.42 -27.23 9.74
N ARG B 96 -20.52 -28.51 10.12
CA ARG B 96 -20.06 -29.59 9.26
C ARG B 96 -20.91 -29.66 8.00
N ALA B 97 -22.22 -29.55 8.20
CA ALA B 97 -23.15 -29.56 7.08
C ALA B 97 -22.98 -28.30 6.24
N ALA B 98 -22.79 -27.17 6.91
CA ALA B 98 -22.62 -25.90 6.22
C ALA B 98 -21.37 -25.90 5.35
N LEU B 99 -20.25 -26.39 5.88
CA LEU B 99 -19.01 -26.40 5.13
C LEU B 99 -19.14 -27.25 3.87
N LYS B 100 -19.76 -28.42 4.01
CA LYS B 100 -19.95 -29.31 2.87
C LYS B 100 -20.78 -28.62 1.79
N ALA B 101 -21.81 -27.91 2.21
CA ALA B 101 -22.68 -27.20 1.28
C ALA B 101 -21.98 -26.01 0.63
N TRP B 102 -21.21 -25.25 1.42
CA TRP B 102 -20.46 -24.12 0.88
C TRP B 102 -19.50 -24.57 -0.22
N LYS B 103 -19.09 -25.84 -0.16
CA LYS B 103 -18.10 -26.36 -1.10
C LYS B 103 -18.72 -27.11 -2.28
N THR B 104 -20.00 -27.47 -2.18
CA THR B 104 -20.60 -28.40 -3.14
C THR B 104 -21.93 -27.95 -3.73
N ASP B 105 -22.66 -27.08 -3.03
CA ASP B 105 -23.98 -26.65 -3.52
C ASP B 105 -23.84 -25.42 -4.42
N PRO B 106 -24.18 -25.59 -5.71
CA PRO B 106 -23.93 -24.53 -6.71
C PRO B 106 -24.63 -23.22 -6.37
N VAL B 107 -25.65 -23.28 -5.51
CA VAL B 107 -26.35 -22.07 -5.10
C VAL B 107 -25.48 -21.22 -4.16
N PHE B 108 -24.55 -21.86 -3.47
CA PHE B 108 -23.76 -21.20 -2.42
C PHE B 108 -22.27 -21.20 -2.73
N GLN B 109 -21.82 -22.16 -3.53
CA GLN B 109 -20.40 -22.42 -3.69
C GLN B 109 -19.62 -21.20 -4.21
N PRO B 110 -20.24 -20.39 -5.09
CA PRO B 110 -19.51 -19.24 -5.62
C PRO B 110 -19.19 -18.17 -4.57
N TYR B 111 -19.82 -18.25 -3.41
CA TYR B 111 -19.76 -17.16 -2.44
C TYR B 111 -18.96 -17.53 -1.19
N PHE B 112 -18.31 -18.69 -1.21
CA PHE B 112 -17.44 -19.11 -0.11
C PHE B 112 -15.98 -18.98 -0.52
N HIS B 113 -15.24 -18.18 0.22
CA HIS B 113 -13.82 -17.98 -0.03
C HIS B 113 -12.99 -18.63 1.07
N GLU B 114 -12.40 -19.78 0.76
CA GLU B 114 -11.81 -20.63 1.78
C GLU B 114 -10.38 -20.21 2.06
N THR B 115 -10.23 -19.06 2.72
CA THR B 115 -8.94 -18.37 2.80
C THR B 115 -8.28 -18.59 4.16
N GLY B 116 -9.04 -19.17 5.09
CA GLY B 116 -8.54 -19.43 6.43
C GLY B 116 -9.04 -18.41 7.43
N PHE B 117 -8.64 -18.60 8.69
CA PHE B 117 -9.23 -17.86 9.81
C PHE B 117 -8.25 -17.81 10.97
N ILE B 118 -7.91 -16.59 11.39
CA ILE B 118 -6.98 -16.38 12.50
C ILE B 118 -7.75 -15.91 13.72
N ILE B 119 -7.60 -16.64 14.82
CA ILE B 119 -8.15 -16.20 16.10
C ILE B 119 -7.03 -15.86 17.07
N SER B 120 -7.15 -14.68 17.68
CA SER B 120 -6.03 -14.09 18.41
C SER B 120 -6.55 -13.29 19.60
N GLY B 121 -5.65 -13.04 20.56
CA GLY B 121 -5.86 -12.01 21.57
C GLY B 121 -4.54 -11.38 21.99
N HIS B 122 -4.62 -10.34 22.82
CA HIS B 122 -3.43 -9.52 23.09
C HIS B 122 -3.13 -9.36 24.58
N THR B 123 -3.81 -10.15 25.42
CA THR B 123 -3.38 -10.36 26.79
C THR B 123 -3.24 -11.85 27.05
N PRO B 124 -2.45 -12.21 28.08
CA PRO B 124 -2.27 -13.62 28.41
C PRO B 124 -3.58 -14.33 28.75
N ALA B 125 -4.48 -13.61 29.42
CA ALA B 125 -5.79 -14.16 29.78
C ALA B 125 -6.63 -14.48 28.54
N LEU B 126 -6.65 -13.57 27.56
CA LEU B 126 -7.42 -13.78 26.34
C LEU B 126 -6.82 -14.94 25.55
N ILE B 127 -5.51 -14.97 25.47
CA ILE B 127 -4.78 -15.98 24.70
C ILE B 127 -5.01 -17.36 25.30
N ASP B 128 -4.97 -17.45 26.63
CA ASP B 128 -5.23 -18.71 27.33
C ASP B 128 -6.68 -19.18 27.11
N HIS B 129 -7.62 -18.25 27.16
CA HIS B 129 -9.02 -18.55 26.90
C HIS B 129 -9.22 -19.19 25.52
N ILE B 130 -8.57 -18.63 24.51
CA ILE B 130 -8.64 -19.18 23.16
C ILE B 130 -7.99 -20.56 23.13
N ARG B 131 -6.84 -20.70 23.77
CA ARG B 131 -6.14 -21.98 23.79
C ARG B 131 -7.03 -23.05 24.40
N LYS B 132 -7.68 -22.72 25.50
CA LYS B 132 -8.41 -23.70 26.30
C LYS B 132 -9.78 -24.04 25.68
N ASP B 133 -10.42 -23.07 25.06
CA ASP B 133 -11.80 -23.23 24.62
C ASP B 133 -11.90 -23.52 23.12
N GLU B 134 -10.97 -23.01 22.34
CA GLU B 134 -11.06 -23.11 20.90
C GLU B 134 -10.06 -24.11 20.34
N VAL B 135 -8.83 -24.07 20.84
CA VAL B 135 -7.74 -24.79 20.19
C VAL B 135 -7.60 -26.22 20.70
N GLU B 136 -7.53 -26.37 22.02
CA GLU B 136 -7.21 -27.66 22.61
C GLU B 136 -8.32 -28.70 22.44
N PRO B 137 -9.58 -28.24 22.42
CA PRO B 137 -10.69 -29.18 22.23
C PRO B 137 -10.84 -29.66 20.80
N SER B 138 -10.13 -29.01 19.88
CA SER B 138 -10.41 -29.14 18.46
C SER B 138 -9.45 -30.14 17.80
N GLU B 139 -9.93 -30.82 16.77
CA GLU B 139 -9.10 -31.70 15.96
C GLU B 139 -8.29 -30.91 14.95
N THR B 140 -8.71 -29.69 14.67
CA THR B 140 -8.03 -28.84 13.71
C THR B 140 -6.55 -28.71 14.07
N ASN B 141 -5.69 -28.83 13.06
N ASN B 141 -5.69 -28.82 13.07
CA ASN B 141 -4.28 -28.53 13.24
CA ASN B 141 -4.27 -28.53 13.25
C ASN B 141 -3.99 -27.05 12.97
C ASN B 141 -3.98 -27.06 12.97
N PHE B 142 -3.82 -26.29 14.04
CA PHE B 142 -3.62 -24.85 13.93
C PHE B 142 -2.15 -24.53 13.74
N VAL B 143 -1.85 -23.43 13.05
CA VAL B 143 -0.52 -22.84 13.10
C VAL B 143 -0.45 -21.75 14.16
N LYS B 144 0.50 -21.87 15.07
CA LYS B 144 0.63 -20.92 16.17
C LYS B 144 1.33 -19.65 15.68
N LEU B 145 0.77 -18.50 16.05
CA LEU B 145 1.37 -17.22 15.69
C LEU B 145 1.87 -16.53 16.95
N GLU B 146 3.18 -16.38 17.06
CA GLU B 146 3.82 -15.99 18.32
C GLU B 146 4.28 -14.53 18.31
N THR B 147 4.59 -14.03 17.13
CA THR B 147 5.22 -12.72 17.00
C THR B 147 4.47 -11.87 15.98
N ALA B 148 4.80 -10.59 15.92
CA ALA B 148 4.20 -9.70 14.95
C ALA B 148 4.54 -10.15 13.52
N GLU B 149 5.76 -10.65 13.34
CA GLU B 149 6.20 -11.12 12.04
C GLU B 149 5.40 -12.34 11.58
N ASP B 150 5.13 -13.25 12.52
CA ASP B 150 4.27 -14.40 12.23
C ASP B 150 2.92 -13.91 11.68
N PHE B 151 2.31 -12.94 12.35
CA PHE B 151 1.03 -12.39 11.88
C PHE B 151 1.16 -11.82 10.49
N ARG B 152 2.14 -10.94 10.29
CA ARG B 152 2.27 -10.20 9.03
C ARG B 152 2.48 -11.16 7.84
N ARG B 153 3.11 -12.30 8.12
CA ARG B 153 3.42 -13.26 7.06
C ARG B 153 2.21 -14.08 6.62
N THR B 154 1.08 -13.95 7.32
CA THR B 154 -0.12 -14.68 6.93
C THR B 154 -0.78 -14.05 5.70
N MET B 155 -0.37 -12.83 5.36
CA MET B 155 -0.96 -12.12 4.23
C MET B 155 0.12 -11.49 3.35
N PRO B 156 -0.25 -11.13 2.11
CA PRO B 156 0.75 -10.62 1.16
C PRO B 156 1.40 -9.34 1.69
N PRO B 157 2.64 -9.07 1.27
CA PRO B 157 3.36 -7.89 1.79
C PRO B 157 2.62 -6.60 1.49
N GLY B 158 2.52 -5.74 2.50
CA GLY B 158 1.88 -4.44 2.33
C GLY B 158 0.45 -4.44 2.85
N VAL B 159 -0.05 -5.61 3.24
CA VAL B 159 -1.38 -5.70 3.83
C VAL B 159 -1.33 -5.48 5.33
N LEU B 160 -0.65 -6.39 6.04
CA LEU B 160 -0.42 -6.21 7.47
C LEU B 160 0.93 -5.54 7.75
N THR B 161 0.88 -4.39 8.40
CA THR B 161 2.05 -3.53 8.57
C THR B 161 2.24 -3.19 10.04
N GLY B 162 1.39 -3.75 10.90
CA GLY B 162 1.34 -3.34 12.30
C GLY B 162 2.35 -4.04 13.19
N ASP B 163 2.40 -3.62 14.45
CA ASP B 163 3.29 -4.21 15.44
C ASP B 163 2.59 -5.21 16.35
N PHE B 164 1.28 -5.38 16.19
CA PHE B 164 0.55 -6.44 16.88
C PHE B 164 0.99 -6.58 18.33
N PRO B 165 0.90 -5.50 19.11
CA PRO B 165 1.53 -5.45 20.43
C PRO B 165 0.87 -6.37 21.46
N GLY B 166 1.58 -7.41 21.86
CA GLY B 166 1.05 -8.39 22.80
C GLY B 166 0.22 -9.50 22.15
N TRP B 167 0.04 -9.42 20.83
CA TRP B 167 -0.83 -10.39 20.15
C TRP B 167 -0.18 -11.77 20.10
N LYS B 168 -0.98 -12.79 20.36
CA LYS B 168 -0.70 -14.13 19.86
C LYS B 168 -1.99 -14.78 19.38
N GLY B 169 -1.87 -15.78 18.52
CA GLY B 169 -3.05 -16.45 18.00
C GLY B 169 -2.74 -17.66 17.15
N TRP B 170 -3.78 -18.17 16.50
CA TRP B 170 -3.71 -19.43 15.79
C TRP B 170 -4.39 -19.26 14.44
N LEU B 171 -3.77 -19.84 13.41
CA LEU B 171 -4.31 -19.81 12.06
C LEU B 171 -4.88 -21.17 11.68
N HIS B 172 -6.17 -21.17 11.33
CA HIS B 172 -6.84 -22.34 10.80
C HIS B 172 -6.94 -22.23 9.28
N LYS B 173 -6.16 -23.03 8.58
CA LYS B 173 -5.79 -22.74 7.19
C LYS B 173 -6.94 -23.04 6.23
N SER B 174 -7.67 -24.11 6.49
CA SER B 174 -8.70 -24.57 5.58
C SER B 174 -9.91 -25.10 6.38
N GLY B 175 -11.04 -25.22 5.71
CA GLY B 175 -12.30 -25.44 6.42
C GLY B 175 -12.80 -24.18 7.09
N ALA B 176 -12.28 -23.04 6.63
CA ALA B 176 -12.66 -21.74 7.16
C ALA B 176 -12.35 -20.64 6.17
N GLY B 177 -12.92 -19.46 6.41
CA GLY B 177 -12.76 -18.34 5.52
C GLY B 177 -13.89 -17.35 5.69
N TRP B 178 -14.34 -16.78 4.58
CA TRP B 178 -15.44 -15.85 4.62
C TRP B 178 -16.42 -16.11 3.48
N ILE B 179 -17.64 -15.61 3.65
CA ILE B 179 -18.70 -15.81 2.69
C ILE B 179 -19.27 -14.45 2.32
N HIS B 180 -19.66 -14.31 1.05
CA HIS B 180 -20.37 -13.12 0.62
C HIS B 180 -21.85 -13.25 0.97
N ALA B 181 -22.18 -12.93 2.22
CA ALA B 181 -23.48 -13.29 2.76
C ALA B 181 -24.59 -12.68 1.92
N LYS B 182 -24.45 -11.41 1.55
CA LYS B 182 -25.48 -10.71 0.79
C LYS B 182 -25.77 -11.39 -0.55
N LYS B 183 -24.73 -11.74 -1.30
CA LYS B 183 -24.92 -12.38 -2.61
C LYS B 183 -25.39 -13.82 -2.46
N ALA B 184 -25.02 -14.47 -1.36
CA ALA B 184 -25.47 -15.83 -1.10
C ALA B 184 -26.95 -15.85 -0.76
N MET B 185 -27.40 -14.85 -0.02
CA MET B 185 -28.81 -14.73 0.31
C MET B 185 -29.65 -14.47 -0.95
N ILE B 186 -29.15 -13.59 -1.81
CA ILE B 186 -29.81 -13.29 -3.07
C ILE B 186 -29.86 -14.53 -3.98
N SER B 187 -28.79 -15.30 -4.00
CA SER B 187 -28.75 -16.56 -4.73
C SER B 187 -29.79 -17.57 -4.22
N ALA B 188 -29.95 -17.66 -2.90
CA ALA B 188 -30.95 -18.56 -2.31
C ALA B 188 -32.37 -18.09 -2.64
N PHE B 189 -32.59 -16.79 -2.48
CA PHE B 189 -33.86 -16.16 -2.83
C PHE B 189 -34.24 -16.47 -4.28
N ASN B 190 -33.28 -16.30 -5.18
CA ASN B 190 -33.52 -16.53 -6.60
C ASN B 190 -33.87 -17.98 -6.90
N GLU B 191 -33.18 -18.90 -6.24
CA GLU B 191 -33.38 -20.33 -6.51
C GLU B 191 -34.69 -20.80 -5.90
N ALA B 192 -35.06 -20.27 -4.75
CA ALA B 192 -36.31 -20.61 -4.10
C ALA B 192 -37.50 -20.16 -4.96
N LYS B 193 -37.40 -18.95 -5.52
CA LYS B 193 -38.38 -18.45 -6.47
C LYS B 193 -38.48 -19.37 -7.69
N ARG B 194 -37.34 -19.81 -8.20
CA ARG B 194 -37.31 -20.63 -9.41
C ARG B 194 -38.01 -21.95 -9.15
N LEU B 195 -37.97 -22.40 -7.90
CA LEU B 195 -38.61 -23.65 -7.51
C LEU B 195 -40.04 -23.44 -7.02
N GLY B 196 -40.53 -22.22 -7.10
CA GLY B 196 -41.96 -21.95 -6.99
C GLY B 196 -42.40 -21.32 -5.68
N VAL B 197 -41.44 -20.87 -4.88
CA VAL B 197 -41.77 -20.18 -3.63
C VAL B 197 -42.20 -18.73 -3.92
N ARG B 198 -43.30 -18.32 -3.29
CA ARG B 198 -43.81 -16.98 -3.48
C ARG B 198 -43.30 -16.04 -2.40
N PHE B 199 -42.60 -15.00 -2.81
CA PHE B 199 -42.09 -14.00 -1.88
C PHE B 199 -42.92 -12.73 -1.93
N VAL B 200 -43.42 -12.31 -0.78
CA VAL B 200 -44.09 -11.03 -0.64
C VAL B 200 -43.24 -10.10 0.21
N THR B 201 -42.41 -9.30 -0.45
CA THR B 201 -41.29 -8.64 0.20
C THR B 201 -41.30 -7.16 -0.12
N GLY B 202 -41.70 -6.36 0.86
CA GLY B 202 -42.14 -5.00 0.61
C GLY B 202 -43.19 -4.59 1.62
N SER B 203 -43.34 -3.30 1.83
CA SER B 203 -44.31 -2.76 2.77
C SER B 203 -45.39 -1.97 2.04
N PRO B 204 -46.65 -2.13 2.46
CA PRO B 204 -47.02 -2.79 3.71
C PRO B 204 -47.34 -4.28 3.56
N GLU B 205 -47.27 -4.82 2.35
CA GLU B 205 -47.86 -6.11 2.04
C GLU B 205 -47.15 -7.26 2.75
N GLY B 206 -45.84 -7.13 2.93
CA GLY B 206 -45.04 -8.17 3.58
C GLY B 206 -44.70 -7.85 5.03
N ASN B 207 -45.17 -6.71 5.50
CA ASN B 207 -44.84 -6.25 6.85
C ASN B 207 -45.79 -6.86 7.86
N VAL B 208 -45.38 -7.95 8.50
CA VAL B 208 -46.23 -8.65 9.44
C VAL B 208 -46.33 -7.88 10.75
N VAL B 209 -47.54 -7.60 11.21
CA VAL B 209 -47.73 -6.80 12.42
C VAL B 209 -48.25 -7.64 13.59
N SER B 210 -48.76 -8.82 13.29
CA SER B 210 -49.26 -9.72 14.34
CA SER B 210 -49.16 -9.75 14.35
C SER B 210 -49.35 -11.15 13.81
N LEU B 211 -49.07 -12.13 14.66
CA LEU B 211 -49.53 -13.49 14.44
C LEU B 211 -51.03 -13.56 14.66
N VAL B 212 -51.69 -14.45 13.94
CA VAL B 212 -53.13 -14.61 14.06
C VAL B 212 -53.45 -15.91 14.78
N TYR B 213 -54.26 -15.82 15.81
CA TYR B 213 -54.57 -16.96 16.66
C TYR B 213 -56.02 -17.40 16.45
N GLU B 214 -56.23 -18.71 16.50
CA GLU B 214 -57.57 -19.27 16.50
C GLU B 214 -57.56 -20.52 17.36
N ASP B 215 -58.42 -20.53 18.37
CA ASP B 215 -58.52 -21.68 19.27
C ASP B 215 -57.15 -22.04 19.86
N GLY B 216 -56.38 -21.03 20.21
CA GLY B 216 -55.15 -21.24 20.98
C GLY B 216 -53.95 -21.62 20.14
N ASP B 217 -54.12 -21.66 18.82
CA ASP B 217 -53.02 -22.01 17.91
C ASP B 217 -52.84 -20.91 16.87
N VAL B 218 -51.62 -20.82 16.32
CA VAL B 218 -51.34 -19.87 15.24
C VAL B 218 -51.85 -20.39 13.91
N VAL B 219 -52.66 -19.59 13.23
CA VAL B 219 -53.23 -20.00 11.94
C VAL B 219 -52.72 -19.12 10.81
N GLY B 220 -51.91 -18.12 11.15
CA GLY B 220 -51.15 -17.38 10.16
C GLY B 220 -50.72 -16.02 10.66
N ALA B 221 -50.66 -15.05 9.75
CA ALA B 221 -50.07 -13.75 10.04
C ALA B 221 -50.90 -12.62 9.44
N ARG B 222 -50.94 -11.50 10.14
CA ARG B 222 -51.56 -10.29 9.63
C ARG B 222 -50.50 -9.27 9.26
N THR B 223 -50.66 -8.67 8.09
CA THR B 223 -49.71 -7.69 7.59
C THR B 223 -50.29 -6.29 7.70
N ALA B 224 -49.46 -5.29 7.41
CA ALA B 224 -49.80 -3.90 7.71
C ALA B 224 -50.84 -3.35 6.72
N ASP B 225 -51.06 -4.07 5.62
CA ASP B 225 -52.10 -3.69 4.68
C ASP B 225 -53.46 -4.19 5.13
N GLY B 226 -53.50 -4.85 6.29
CA GLY B 226 -54.74 -5.39 6.83
C GLY B 226 -55.00 -6.83 6.45
N ARG B 227 -54.23 -7.36 5.50
CA ARG B 227 -54.50 -8.70 4.98
C ARG B 227 -54.12 -9.78 6.00
N VAL B 228 -54.95 -10.81 6.09
CA VAL B 228 -54.68 -11.95 6.96
C VAL B 228 -54.27 -13.15 6.11
N HIS B 229 -53.05 -13.63 6.32
CA HIS B 229 -52.51 -14.72 5.54
C HIS B 229 -52.58 -16.01 6.35
N LYS B 230 -53.37 -16.97 5.87
CA LYS B 230 -53.63 -18.20 6.62
C LYS B 230 -52.76 -19.34 6.10
N ALA B 231 -52.32 -20.19 7.01
CA ALA B 231 -51.51 -21.34 6.63
C ALA B 231 -51.66 -22.47 7.63
N HIS B 232 -51.35 -23.67 7.17
CA HIS B 232 -51.33 -24.85 8.01
C HIS B 232 -50.18 -24.80 9.00
N ARG B 233 -49.04 -24.25 8.56
CA ARG B 233 -47.90 -24.02 9.43
C ARG B 233 -47.35 -22.61 9.24
N THR B 234 -46.86 -22.03 10.33
CA THR B 234 -46.25 -20.70 10.28
C THR B 234 -44.87 -20.77 10.90
N ILE B 235 -43.87 -20.30 10.15
CA ILE B 235 -42.50 -20.30 10.64
C ILE B 235 -42.05 -18.86 10.90
N LEU B 236 -41.66 -18.59 12.14
CA LEU B 236 -41.18 -17.26 12.53
C LEU B 236 -39.66 -17.21 12.49
N SER B 237 -39.12 -16.57 11.46
CA SER B 237 -37.68 -16.47 11.26
C SER B 237 -37.30 -15.04 10.91
N ALA B 238 -37.67 -14.10 11.77
CA ALA B 238 -37.52 -12.68 11.47
C ALA B 238 -36.39 -12.05 12.28
N GLY B 239 -35.37 -12.85 12.59
CA GLY B 239 -34.17 -12.33 13.23
C GLY B 239 -34.50 -11.60 14.52
N ALA B 240 -33.83 -10.47 14.74
CA ALA B 240 -34.02 -9.69 15.96
C ALA B 240 -35.45 -9.14 16.06
N GLY B 241 -36.09 -8.95 14.91
CA GLY B 241 -37.46 -8.44 14.88
C GLY B 241 -38.51 -9.45 15.35
N SER B 242 -38.11 -10.72 15.47
CA SER B 242 -39.03 -11.76 15.93
C SER B 242 -39.52 -11.47 17.35
N ASP B 243 -38.66 -10.84 18.14
CA ASP B 243 -38.93 -10.64 19.56
C ASP B 243 -40.15 -9.72 19.77
N SER B 244 -40.58 -9.05 18.71
CA SER B 244 -41.72 -8.14 18.79
CA SER B 244 -41.71 -8.13 18.78
C SER B 244 -43.03 -8.83 18.39
N LEU B 245 -42.93 -10.03 17.85
CA LEU B 245 -44.09 -10.69 17.23
C LEU B 245 -44.62 -11.82 18.08
N LEU B 246 -43.82 -12.26 19.05
CA LEU B 246 -44.17 -13.37 19.93
C LEU B 246 -43.54 -13.13 21.29
N ASP B 247 -44.20 -13.58 22.35
CA ASP B 247 -43.59 -13.56 23.68
C ASP B 247 -42.61 -14.73 23.82
N PHE B 248 -41.32 -14.42 23.70
CA PHE B 248 -40.30 -15.45 23.75
C PHE B 248 -39.89 -15.75 25.20
N LYS B 249 -40.58 -15.13 26.15
CA LYS B 249 -40.31 -15.39 27.55
C LYS B 249 -38.84 -15.15 27.88
N LYS B 250 -38.28 -14.09 27.32
CA LYS B 250 -36.93 -13.63 27.61
C LYS B 250 -35.84 -14.47 26.97
N GLN B 251 -36.24 -15.40 26.10
CA GLN B 251 -35.27 -16.26 25.43
C GLN B 251 -34.43 -15.52 24.38
N LEU B 252 -34.91 -14.37 23.94
CA LEU B 252 -34.18 -13.58 22.95
C LEU B 252 -33.74 -12.23 23.52
N ARG B 253 -32.47 -11.90 23.31
CA ARG B 253 -32.01 -10.53 23.54
C ARG B 253 -31.52 -9.91 22.23
N PRO B 254 -32.33 -8.99 21.68
CA PRO B 254 -31.91 -8.22 20.51
C PRO B 254 -30.71 -7.34 20.84
N THR B 255 -29.60 -7.61 20.15
CA THR B 255 -28.32 -6.99 20.46
C THR B 255 -27.64 -6.56 19.16
N ALA B 256 -26.94 -5.43 19.20
CA ALA B 256 -26.39 -4.84 17.99
C ALA B 256 -24.87 -4.82 18.04
N TRP B 257 -24.26 -5.04 16.88
CA TRP B 257 -22.85 -4.77 16.71
C TRP B 257 -22.63 -3.79 15.57
N THR B 258 -21.39 -3.39 15.40
CA THR B 258 -21.05 -2.18 14.65
C THR B 258 -20.02 -2.50 13.59
N LEU B 259 -20.23 -1.98 12.39
CA LEU B 259 -19.32 -2.22 11.28
C LEU B 259 -19.09 -0.93 10.51
N CYS B 260 -17.89 -0.80 9.94
CA CYS B 260 -17.59 0.32 9.07
C CYS B 260 -16.71 -0.10 7.90
N HIS B 261 -16.79 0.65 6.81
CA HIS B 261 -16.06 0.34 5.59
C HIS B 261 -15.03 1.43 5.34
N ILE B 262 -13.90 1.03 4.77
CA ILE B 262 -12.98 1.97 4.15
C ILE B 262 -12.84 1.65 2.66
N GLN B 263 -12.91 2.70 1.84
CA GLN B 263 -12.80 2.53 0.39
C GLN B 263 -11.33 2.44 -0.02
N MET B 264 -10.94 1.30 -0.58
CA MET B 264 -9.57 1.10 -1.02
C MET B 264 -9.38 1.65 -2.43
N GLY B 265 -8.17 2.11 -2.71
CA GLY B 265 -7.83 2.66 -4.02
C GLY B 265 -7.54 1.58 -5.05
N PRO B 266 -7.48 1.99 -6.33
CA PRO B 266 -7.54 1.04 -7.44
C PRO B 266 -6.28 0.20 -7.60
N GLU B 267 -5.14 0.74 -7.17
CA GLU B 267 -3.90 -0.04 -7.16
C GLU B 267 -3.76 -0.80 -5.84
N GLU B 268 -3.91 -0.10 -4.72
CA GLU B 268 -3.57 -0.69 -3.43
C GLU B 268 -4.44 -1.91 -3.14
N VAL B 269 -5.66 -1.92 -3.70
CA VAL B 269 -6.61 -2.98 -3.40
C VAL B 269 -6.16 -4.33 -3.95
N LYS B 270 -5.20 -4.31 -4.87
CA LYS B 270 -4.85 -5.52 -5.61
C LYS B 270 -3.99 -6.47 -4.78
N GLN B 271 -3.35 -5.95 -3.74
CA GLN B 271 -2.61 -6.78 -2.80
C GLN B 271 -3.57 -7.52 -1.85
N TYR B 272 -4.76 -6.94 -1.65
CA TYR B 272 -5.63 -7.36 -0.57
C TYR B 272 -6.55 -8.49 -0.99
N ARG B 273 -5.97 -9.58 -1.48
CA ARG B 273 -6.76 -10.62 -2.13
C ARG B 273 -6.51 -11.97 -1.47
N ASN B 274 -7.58 -12.75 -1.34
CA ASN B 274 -7.50 -14.08 -0.75
C ASN B 274 -6.87 -14.04 0.64
N LEU B 275 -7.43 -13.20 1.50
CA LEU B 275 -6.90 -13.03 2.85
C LEU B 275 -7.66 -13.93 3.82
N PRO B 276 -6.94 -14.62 4.71
CA PRO B 276 -7.57 -15.18 5.90
C PRO B 276 -8.25 -14.10 6.73
N VAL B 277 -9.38 -14.46 7.35
CA VAL B 277 -10.00 -13.60 8.34
C VAL B 277 -9.05 -13.39 9.51
N LEU B 278 -8.88 -12.14 9.92
CA LEU B 278 -8.10 -11.83 11.10
C LEU B 278 -9.02 -11.33 12.21
N PHE B 279 -9.05 -12.06 13.32
CA PHE B 279 -9.99 -11.80 14.40
C PHE B 279 -9.26 -11.79 15.74
N ASN B 280 -9.27 -10.63 16.40
CA ASN B 280 -8.84 -10.54 17.78
C ASN B 280 -10.06 -10.39 18.69
N ILE B 281 -10.25 -11.37 19.57
CA ILE B 281 -11.55 -11.56 20.21
C ILE B 281 -11.89 -10.42 21.17
N ALA B 282 -10.96 -9.50 21.39
CA ALA B 282 -11.24 -8.33 22.21
C ALA B 282 -10.91 -7.00 21.52
N LYS B 283 -10.71 -7.04 20.20
CA LYS B 283 -10.49 -5.81 19.44
C LYS B 283 -11.38 -5.71 18.20
N GLY B 284 -11.39 -6.77 17.39
CA GLY B 284 -12.20 -6.76 16.18
C GLY B 284 -11.70 -7.67 15.09
N PHE B 285 -12.32 -7.59 13.92
CA PHE B 285 -11.86 -8.33 12.76
C PHE B 285 -12.08 -7.53 11.49
N PHE B 286 -11.35 -7.89 10.44
CA PHE B 286 -11.60 -7.32 9.13
C PHE B 286 -11.58 -8.42 8.10
N MET B 287 -12.20 -8.16 6.96
CA MET B 287 -12.15 -9.08 5.83
C MET B 287 -11.84 -8.32 4.56
N GLU B 288 -11.35 -9.04 3.56
CA GLU B 288 -10.75 -8.42 2.40
C GLU B 288 -11.78 -7.63 1.62
N PRO B 289 -11.33 -6.60 0.89
CA PRO B 289 -12.23 -5.66 0.22
C PRO B 289 -13.14 -6.36 -0.78
N ASP B 290 -14.37 -5.88 -0.91
CA ASP B 290 -15.36 -6.55 -1.76
C ASP B 290 -15.10 -6.25 -3.24
N GLU B 291 -15.61 -7.12 -4.11
CA GLU B 291 -15.25 -7.09 -5.51
C GLU B 291 -15.95 -5.94 -6.23
N ASP B 292 -17.02 -5.44 -5.63
CA ASP B 292 -17.88 -4.47 -6.30
C ASP B 292 -17.46 -3.04 -6.00
N LYS B 293 -17.29 -2.73 -4.71
CA LYS B 293 -17.01 -1.35 -4.29
C LYS B 293 -15.58 -1.19 -3.78
N HIS B 294 -14.85 -2.29 -3.69
CA HIS B 294 -13.51 -2.29 -3.11
C HIS B 294 -13.51 -1.68 -1.72
N GLU B 295 -14.50 -2.05 -0.92
CA GLU B 295 -14.56 -1.58 0.46
C GLU B 295 -14.09 -2.66 1.42
N LEU B 296 -13.27 -2.23 2.39
CA LEU B 296 -12.75 -3.10 3.42
C LEU B 296 -13.56 -2.93 4.71
N LYS B 297 -14.13 -4.01 5.21
CA LYS B 297 -15.01 -3.95 6.37
C LYS B 297 -14.24 -4.24 7.66
N ILE B 298 -14.45 -3.39 8.66
CA ILE B 298 -13.96 -3.65 10.01
C ILE B 298 -15.13 -3.75 10.98
N CYS B 299 -15.11 -4.79 11.81
CA CYS B 299 -15.98 -4.83 12.99
C CYS B 299 -15.14 -4.66 14.24
N ASP B 300 -15.55 -3.74 15.11
CA ASP B 300 -14.93 -3.61 16.42
C ASP B 300 -15.65 -4.53 17.43
N GLU B 301 -14.90 -5.42 18.07
CA GLU B 301 -15.51 -6.43 18.92
C GLU B 301 -15.79 -5.88 20.32
N HIS B 302 -17.00 -6.17 20.80
CA HIS B 302 -17.41 -5.81 22.15
C HIS B 302 -18.63 -6.67 22.48
N PRO B 303 -19.16 -6.53 23.70
CA PRO B 303 -20.21 -7.47 24.07
C PRO B 303 -21.58 -7.14 23.48
N GLY B 304 -21.69 -5.98 22.84
CA GLY B 304 -22.91 -5.63 22.11
C GLY B 304 -23.58 -4.39 22.66
N TYR B 305 -24.28 -3.66 21.80
CA TYR B 305 -25.24 -2.65 22.23
C TYR B 305 -26.66 -3.23 22.32
N CYS B 306 -27.37 -2.84 23.37
CA CYS B 306 -28.81 -2.99 23.41
C CYS B 306 -29.49 -1.62 23.40
N ASN B 307 -30.76 -1.60 23.07
CA ASN B 307 -31.56 -0.37 23.14
C ASN B 307 -32.70 -0.52 24.15
N PHE B 308 -32.40 -0.28 25.42
CA PHE B 308 -33.25 -0.76 26.51
C PHE B 308 -34.39 0.22 26.74
N LEU B 309 -35.59 -0.22 26.37
CA LEU B 309 -36.80 0.56 26.59
C LEU B 309 -37.72 -0.18 27.57
N PRO B 310 -38.69 0.53 28.15
CA PRO B 310 -39.67 -0.12 29.02
C PRO B 310 -40.38 -1.25 28.30
N ASP B 311 -40.46 -2.41 28.97
CA ASP B 311 -41.14 -3.57 28.40
C ASP B 311 -42.66 -3.43 28.58
N PRO B 312 -43.38 -3.23 27.47
CA PRO B 312 -44.81 -2.92 27.56
C PRO B 312 -45.61 -3.99 28.32
N ASN B 313 -45.12 -5.22 28.31
CA ASN B 313 -45.87 -6.35 28.87
C ASN B 313 -45.37 -6.77 30.24
N ARG B 314 -44.30 -6.11 30.70
CA ARG B 314 -43.70 -6.45 31.98
C ARG B 314 -43.35 -5.17 32.73
N PRO B 315 -44.35 -4.57 33.40
CA PRO B 315 -44.16 -3.28 34.05
C PRO B 315 -42.94 -3.24 34.95
N GLY B 316 -42.12 -2.20 34.80
CA GLY B 316 -40.93 -2.05 35.63
C GLY B 316 -39.72 -2.75 35.05
N GLN B 317 -39.91 -3.45 33.93
CA GLN B 317 -38.81 -4.18 33.30
C GLN B 317 -38.44 -3.58 31.94
N GLU B 318 -37.24 -3.93 31.47
CA GLU B 318 -36.73 -3.37 30.24
C GLU B 318 -36.59 -4.45 29.17
N LYS B 319 -36.55 -4.01 27.92
CA LYS B 319 -36.54 -4.90 26.76
C LYS B 319 -35.81 -4.17 25.64
N SER B 320 -34.84 -4.86 25.04
CA SER B 320 -34.03 -4.26 23.99
C SER B 320 -34.79 -4.24 22.67
N VAL B 321 -34.90 -3.06 22.07
CA VAL B 321 -35.77 -2.85 20.91
C VAL B 321 -34.96 -2.28 19.74
N PRO B 322 -34.83 -3.08 18.66
CA PRO B 322 -34.00 -2.69 17.53
C PRO B 322 -34.46 -1.41 16.83
N PHE B 323 -33.51 -0.64 16.32
CA PHE B 323 -33.79 0.34 15.28
C PHE B 323 -32.67 0.31 14.25
N ALA B 324 -32.94 0.86 13.07
CA ALA B 324 -31.96 0.86 11.98
C ALA B 324 -31.19 2.18 11.97
N LYS B 325 -29.90 2.11 11.64
CA LYS B 325 -29.10 3.31 11.47
C LYS B 325 -27.84 3.02 10.67
N HIS B 326 -27.61 3.82 9.62
CA HIS B 326 -26.37 3.75 8.87
C HIS B 326 -25.34 4.75 9.40
N GLN B 327 -25.17 4.77 10.71
CA GLN B 327 -23.96 5.27 11.34
C GLN B 327 -23.60 4.34 12.50
N ILE B 328 -22.46 4.60 13.12
CA ILE B 328 -22.12 3.93 14.36
C ILE B 328 -21.67 4.95 15.40
N PRO B 329 -21.81 4.61 16.69
CA PRO B 329 -21.28 5.51 17.71
C PRO B 329 -19.81 5.87 17.47
N LEU B 330 -19.44 7.12 17.79
CA LEU B 330 -18.06 7.56 17.63
C LEU B 330 -17.09 6.66 18.37
N GLU B 331 -17.51 6.18 19.55
CA GLU B 331 -16.66 5.30 20.34
C GLU B 331 -16.39 3.99 19.62
N ALA B 332 -17.32 3.58 18.75
CA ALA B 332 -17.14 2.35 17.98
C ALA B 332 -16.15 2.56 16.83
N GLU B 333 -16.28 3.70 16.15
CA GLU B 333 -15.27 4.09 15.18
C GLU B 333 -13.88 4.09 15.81
N ALA B 334 -13.76 4.63 17.01
CA ALA B 334 -12.46 4.73 17.68
C ALA B 334 -11.89 3.34 17.98
N ARG B 335 -12.75 2.41 18.36
CA ARG B 335 -12.31 1.04 18.61
C ARG B 335 -11.85 0.37 17.33
N ALA B 336 -12.53 0.66 16.22
CA ALA B 336 -12.14 0.13 14.93
C ALA B 336 -10.75 0.64 14.53
N ARG B 337 -10.49 1.92 14.78
CA ARG B 337 -9.24 2.54 14.41
C ARG B 337 -8.08 2.07 15.28
N ASP B 338 -8.40 1.65 16.51
CA ASP B 338 -7.41 1.02 17.38
C ASP B 338 -7.04 -0.38 16.89
N PHE B 339 -8.02 -1.14 16.41
CA PHE B 339 -7.74 -2.40 15.73
C PHE B 339 -6.85 -2.21 14.51
N LEU B 340 -7.16 -1.19 13.71
CA LEU B 340 -6.36 -0.88 12.53
C LEU B 340 -4.94 -0.44 12.91
N HIS B 341 -4.83 0.29 14.01
CA HIS B 341 -3.51 0.72 14.49
C HIS B 341 -2.60 -0.47 14.73
N ASP B 342 -3.15 -1.53 15.32
CA ASP B 342 -2.35 -2.69 15.69
C ASP B 342 -1.95 -3.52 14.46
N THR B 343 -2.77 -3.46 13.42
CA THR B 343 -2.73 -4.45 12.35
C THR B 343 -2.34 -3.82 11.01
N MET B 344 -2.99 -2.70 10.68
CA MET B 344 -2.77 -2.03 9.41
C MET B 344 -2.73 -0.51 9.64
N PRO B 345 -1.69 -0.04 10.34
CA PRO B 345 -1.66 1.34 10.79
C PRO B 345 -1.63 2.34 9.63
N HIS B 346 -1.32 1.86 8.43
CA HIS B 346 -1.37 2.72 7.25
C HIS B 346 -2.80 3.07 6.84
N LEU B 347 -3.77 2.37 7.43
CA LEU B 347 -5.17 2.61 7.12
C LEU B 347 -5.92 3.29 8.28
N ALA B 348 -5.26 3.47 9.42
CA ALA B 348 -5.99 3.77 10.65
C ALA B 348 -6.60 5.17 10.67
N ASP B 349 -6.13 6.05 9.77
CA ASP B 349 -6.65 7.41 9.69
C ASP B 349 -7.52 7.63 8.45
N ARG B 350 -7.84 6.57 7.71
CA ARG B 350 -8.64 6.71 6.50
C ARG B 350 -10.09 7.04 6.84
N PRO B 351 -10.72 7.90 6.03
CA PRO B 351 -12.12 8.21 6.23
C PRO B 351 -13.01 6.98 6.00
N LEU B 352 -14.05 6.85 6.80
CA LEU B 352 -15.05 5.81 6.59
C LEU B 352 -15.92 6.13 5.38
N SER B 353 -16.19 5.13 4.55
CA SER B 353 -17.07 5.31 3.39
C SER B 353 -18.49 4.86 3.71
N PHE B 354 -18.63 4.08 4.78
CA PHE B 354 -19.93 3.54 5.18
C PHE B 354 -19.84 2.96 6.58
N ALA B 355 -20.93 3.05 7.33
CA ALA B 355 -21.03 2.38 8.62
C ALA B 355 -22.48 2.05 8.92
N ARG B 356 -22.71 1.00 9.69
CA ARG B 356 -24.03 0.76 10.25
C ARG B 356 -23.99 -0.10 11.49
N ILE B 357 -25.11 -0.07 12.22
CA ILE B 357 -25.37 -1.06 13.26
C ILE B 357 -26.18 -2.21 12.69
N CYS B 358 -25.98 -3.38 13.29
CA CYS B 358 -26.42 -4.64 12.72
C CYS B 358 -26.92 -5.52 13.86
N TRP B 359 -28.18 -5.95 13.77
CA TRP B 359 -28.89 -6.57 14.89
C TRP B 359 -28.99 -8.09 14.73
N ASP B 360 -28.66 -8.81 15.79
CA ASP B 360 -28.98 -10.22 15.93
C ASP B 360 -29.72 -10.41 17.25
N ALA B 361 -30.05 -11.65 17.60
CA ALA B 361 -30.59 -11.93 18.93
C ALA B 361 -29.88 -13.09 19.60
N ASP B 362 -29.47 -12.88 20.84
CA ASP B 362 -28.80 -13.90 21.65
C ASP B 362 -29.81 -14.66 22.48
N THR B 363 -29.72 -15.98 22.45
CA THR B 363 -30.33 -16.83 23.48
C THR B 363 -29.47 -16.85 24.73
N PRO B 364 -29.97 -17.47 25.82
CA PRO B 364 -29.20 -17.38 27.07
C PRO B 364 -27.87 -18.12 27.01
N ASP B 365 -27.80 -19.17 26.19
CA ASP B 365 -26.57 -19.94 26.06
C ASP B 365 -25.94 -19.75 24.68
N ARG B 366 -26.56 -18.91 23.86
CA ARG B 366 -26.08 -18.63 22.49
C ARG B 366 -26.06 -19.86 21.60
N ALA B 367 -26.92 -20.82 21.89
CA ALA B 367 -27.33 -21.81 20.90
C ALA B 367 -28.60 -21.35 20.19
N PHE B 368 -28.84 -21.87 18.99
CA PHE B 368 -30.02 -21.47 18.22
C PHE B 368 -31.29 -21.89 18.95
N LEU B 369 -32.41 -21.27 18.57
CA LEU B 369 -33.72 -21.63 19.11
C LEU B 369 -34.65 -22.03 17.99
N ILE B 370 -34.70 -23.33 17.74
CA ILE B 370 -35.43 -23.88 16.60
C ILE B 370 -36.34 -25.01 17.08
N ASP B 371 -37.64 -24.74 17.13
CA ASP B 371 -38.60 -25.65 17.76
C ASP B 371 -40.03 -25.25 17.45
N ARG B 372 -40.93 -26.22 17.52
CA ARG B 372 -42.35 -25.92 17.54
C ARG B 372 -42.74 -25.39 18.91
N HIS B 373 -43.65 -24.41 18.92
CA HIS B 373 -44.09 -23.80 20.16
C HIS B 373 -45.02 -24.76 20.91
N PRO B 374 -44.69 -25.08 22.17
CA PRO B 374 -45.44 -26.10 22.90
C PRO B 374 -46.91 -25.75 23.11
N GLU B 375 -47.23 -24.46 23.15
CA GLU B 375 -48.61 -24.02 23.33
C GLU B 375 -49.31 -23.76 22.01
N HIS B 376 -48.53 -23.56 20.95
CA HIS B 376 -49.08 -23.30 19.62
C HIS B 376 -48.38 -24.16 18.58
N PRO B 377 -48.86 -25.40 18.39
CA PRO B 377 -48.07 -26.40 17.70
C PRO B 377 -47.91 -26.15 16.19
N SER B 378 -48.75 -25.29 15.62
CA SER B 378 -48.63 -24.96 14.19
C SER B 378 -47.53 -23.93 13.94
N LEU B 379 -47.07 -23.30 15.02
CA LEU B 379 -45.98 -22.34 14.94
C LEU B 379 -44.63 -23.02 15.15
N LEU B 380 -43.72 -22.79 14.21
CA LEU B 380 -42.31 -23.14 14.41
C LEU B 380 -41.50 -21.85 14.52
N VAL B 381 -40.66 -21.76 15.54
CA VAL B 381 -39.74 -20.63 15.66
C VAL B 381 -38.35 -21.05 15.22
N ALA B 382 -37.68 -20.17 14.47
CA ALA B 382 -36.31 -20.41 14.04
C ALA B 382 -35.50 -19.12 14.17
N VAL B 383 -34.96 -18.92 15.36
CA VAL B 383 -34.42 -17.63 15.78
C VAL B 383 -33.16 -17.86 16.60
N GLY B 384 -32.56 -16.77 17.08
CA GLY B 384 -31.49 -16.86 18.06
C GLY B 384 -30.15 -17.22 17.44
N GLY B 385 -29.84 -16.60 16.32
CA GLY B 385 -28.56 -16.81 15.64
C GLY B 385 -27.36 -16.54 16.54
N SER B 386 -27.50 -15.58 17.44
CA SER B 386 -26.57 -15.46 18.56
C SER B 386 -25.14 -15.20 18.08
N GLY B 387 -25.02 -14.54 16.93
CA GLY B 387 -23.73 -14.09 16.43
C GLY B 387 -23.01 -15.09 15.53
N ASN B 388 -23.72 -16.13 15.13
N ASN B 388 -23.63 -16.23 15.28
CA ASN B 388 -23.11 -17.27 14.46
CA ASN B 388 -23.05 -17.20 14.35
C ASN B 388 -24.02 -17.89 13.40
C ASN B 388 -24.11 -17.92 13.53
N GLY B 389 -25.06 -17.17 13.01
CA GLY B 389 -26.12 -17.72 12.18
C GLY B 389 -25.88 -17.62 10.69
N ALA B 390 -25.03 -16.68 10.27
CA ALA B 390 -24.86 -16.40 8.85
C ALA B 390 -24.13 -17.52 8.11
N MET B 391 -23.11 -18.08 8.75
CA MET B 391 -22.33 -19.14 8.12
C MET B 391 -23.17 -20.41 7.93
N GLN B 392 -24.33 -20.45 8.57
CA GLN B 392 -25.23 -21.60 8.49
C GLN B 392 -26.13 -21.55 7.25
N MET B 393 -26.03 -20.49 6.46
CA MET B 393 -27.06 -20.16 5.48
C MET B 393 -27.41 -21.34 4.56
N PRO B 394 -26.40 -22.05 4.04
CA PRO B 394 -26.68 -23.05 3.02
C PRO B 394 -27.53 -24.20 3.53
N THR B 395 -27.49 -24.46 4.83
CA THR B 395 -28.02 -25.70 5.39
C THR B 395 -29.02 -25.50 6.54
N ILE B 396 -29.05 -24.29 7.10
CA ILE B 396 -29.90 -24.05 8.27
C ILE B 396 -31.37 -24.32 7.98
N GLY B 397 -31.76 -24.08 6.73
CA GLY B 397 -33.14 -24.31 6.30
C GLY B 397 -33.51 -25.79 6.29
N GLY B 398 -32.50 -26.63 6.15
CA GLY B 398 -32.69 -28.08 6.21
C GLY B 398 -33.00 -28.57 7.60
N PHE B 399 -32.27 -28.05 8.59
CA PHE B 399 -32.53 -28.35 9.99
C PHE B 399 -33.87 -27.77 10.44
N ILE B 400 -34.22 -26.61 9.90
CA ILE B 400 -35.50 -25.98 10.22
C ILE B 400 -36.66 -26.77 9.60
N ALA B 401 -36.46 -27.24 8.37
CA ALA B 401 -37.43 -28.12 7.74
C ALA B 401 -37.53 -29.46 8.46
N ASP B 402 -36.41 -30.00 8.91
CA ASP B 402 -36.42 -31.20 9.75
C ASP B 402 -37.33 -30.99 10.96
N ALA B 403 -37.18 -29.84 11.62
CA ALA B 403 -37.95 -29.54 12.81
C ALA B 403 -39.43 -29.46 12.48
N LEU B 404 -39.74 -28.84 11.35
CA LEU B 404 -41.12 -28.77 10.87
C LEU B 404 -41.69 -30.17 10.70
N GLU B 405 -40.87 -31.08 10.20
CA GLU B 405 -41.32 -32.43 9.86
C GLU B 405 -41.11 -33.41 11.01
N SER B 406 -40.72 -32.88 12.17
CA SER B 406 -40.54 -33.68 13.37
C SER B 406 -39.48 -34.77 13.18
N LYS B 407 -38.40 -34.44 12.49
CA LYS B 407 -37.30 -35.39 12.33
C LYS B 407 -35.95 -34.72 12.49
N LEU B 408 -35.89 -33.70 13.35
CA LEU B 408 -34.62 -33.09 13.72
C LEU B 408 -33.85 -34.02 14.64
N GLN B 409 -32.62 -34.36 14.24
CA GLN B 409 -31.83 -35.34 14.97
C GLN B 409 -31.63 -34.92 16.42
N LYS B 410 -31.55 -35.90 17.32
CA LYS B 410 -31.84 -35.68 18.73
C LYS B 410 -30.81 -34.75 19.38
N GLU B 411 -29.53 -34.96 19.06
CA GLU B 411 -28.46 -34.22 19.71
C GLU B 411 -28.57 -32.72 19.41
N VAL B 412 -29.02 -32.41 18.19
CA VAL B 412 -29.26 -31.02 17.81
C VAL B 412 -30.57 -30.53 18.40
N LYS B 413 -31.60 -31.36 18.31
CA LYS B 413 -32.94 -31.00 18.77
C LYS B 413 -32.94 -30.53 20.21
N ASP B 414 -32.27 -31.29 21.09
CA ASP B 414 -32.33 -31.04 22.52
C ASP B 414 -31.60 -29.73 22.85
N ILE B 415 -30.64 -29.35 22.01
CA ILE B 415 -29.85 -28.15 22.26
C ILE B 415 -30.61 -26.88 21.84
N VAL B 416 -31.38 -26.99 20.76
CA VAL B 416 -32.02 -25.82 20.19
C VAL B 416 -33.52 -25.78 20.50
N ARG B 417 -33.91 -26.54 21.51
CA ARG B 417 -35.31 -26.65 21.91
C ARG B 417 -35.82 -25.36 22.57
N TRP B 418 -37.14 -25.21 22.58
CA TRP B 418 -37.82 -24.18 23.35
C TRP B 418 -37.53 -24.35 24.85
N ARG B 419 -37.00 -23.30 25.47
CA ARG B 419 -36.37 -23.43 26.78
C ARG B 419 -36.47 -22.15 27.60
N PRO B 420 -37.71 -21.71 27.88
CA PRO B 420 -37.96 -20.51 28.67
C PRO B 420 -37.45 -20.63 30.10
N GLU B 421 -37.27 -21.85 30.57
CA GLU B 421 -36.78 -22.07 31.94
C GLU B 421 -35.33 -21.60 32.10
N THR B 422 -34.62 -21.48 30.99
CA THR B 422 -33.23 -21.03 31.01
C THR B 422 -33.12 -19.50 30.98
N ALA B 423 -34.25 -18.81 30.90
CA ALA B 423 -34.26 -17.36 30.72
C ALA B 423 -35.01 -16.65 31.84
N VAL B 424 -35.40 -17.39 32.87
CA VAL B 424 -36.10 -16.80 34.00
C VAL B 424 -35.20 -15.81 34.74
N ASP B 425 -35.67 -14.58 34.88
CA ASP B 425 -34.87 -13.51 35.51
C ASP B 425 -33.56 -13.31 34.76
N ARG B 426 -33.61 -13.38 33.44
CA ARG B 426 -32.43 -13.15 32.62
C ARG B 426 -31.76 -11.82 32.97
N ASP B 427 -30.43 -11.84 33.02
CA ASP B 427 -29.65 -10.60 33.12
C ASP B 427 -29.29 -10.11 31.72
N TRP B 428 -29.96 -9.04 31.29
CA TRP B 428 -29.78 -8.53 29.94
C TRP B 428 -28.36 -7.99 29.73
N ARG B 429 -27.64 -7.73 30.83
CA ARG B 429 -26.32 -7.11 30.74
C ARG B 429 -25.20 -8.13 30.93
N ALA B 430 -25.53 -9.41 30.85
CA ALA B 430 -24.51 -10.44 30.75
C ALA B 430 -23.74 -10.32 29.45
N THR B 431 -22.42 -10.53 29.52
CA THR B 431 -21.55 -10.32 28.37
C THR B 431 -21.43 -11.58 27.51
N GLN B 432 -21.92 -12.70 28.01
CA GLN B 432 -22.17 -13.91 27.20
C GLN B 432 -20.96 -14.27 26.31
N ASN B 433 -19.81 -14.40 26.96
CA ASN B 433 -18.58 -14.89 26.33
C ASN B 433 -18.12 -14.00 25.18
N ARG B 434 -18.44 -12.72 25.25
CA ARG B 434 -17.84 -11.73 24.36
C ARG B 434 -16.94 -10.77 25.13
N PHE B 435 -15.95 -10.20 24.44
CA PHE B 435 -14.99 -9.29 25.05
C PHE B 435 -14.78 -8.05 24.19
N GLY B 436 -14.09 -7.06 24.74
CA GLY B 436 -13.69 -5.89 23.98
C GLY B 436 -14.38 -4.63 24.45
N GLY B 437 -13.88 -3.48 24.01
CA GLY B 437 -14.43 -2.21 24.45
C GLY B 437 -14.48 -2.11 25.95
N PRO B 438 -15.62 -1.68 26.51
CA PRO B 438 -15.73 -1.50 27.94
C PRO B 438 -16.07 -2.81 28.67
N ASP B 439 -15.97 -3.92 27.95
CA ASP B 439 -16.27 -5.24 28.51
C ASP B 439 -17.56 -5.18 29.32
N ARG B 440 -18.57 -4.54 28.75
CA ARG B 440 -19.92 -4.66 29.26
C ARG B 440 -20.91 -4.45 28.11
N ILE B 441 -22.15 -4.84 28.33
CA ILE B 441 -23.23 -4.47 27.43
C ILE B 441 -23.47 -2.97 27.47
N MET B 442 -23.57 -2.37 26.30
CA MET B 442 -23.76 -0.93 26.20
C MET B 442 -25.20 -0.63 25.76
N ASP B 443 -25.64 0.60 26.01
CA ASP B 443 -27.05 0.94 25.82
C ASP B 443 -27.17 2.16 24.91
N PHE B 444 -27.83 1.98 23.77
CA PHE B 444 -27.95 3.04 22.78
C PHE B 444 -28.68 4.25 23.36
N GLN B 445 -29.49 4.03 24.39
CA GLN B 445 -30.18 5.12 25.07
C GLN B 445 -29.20 6.02 25.81
N GLN B 446 -27.94 5.58 25.92
CA GLN B 446 -26.92 6.36 26.60
C GLN B 446 -25.96 7.02 25.61
N VAL B 447 -26.20 6.80 24.31
CA VAL B 447 -25.41 7.45 23.29
C VAL B 447 -26.08 8.75 22.85
N GLY B 448 -25.36 9.86 23.00
CA GLY B 448 -25.88 11.17 22.62
C GLY B 448 -26.18 11.25 21.14
N GLU B 449 -27.18 12.06 20.79
CA GLU B 449 -27.58 12.21 19.39
C GLU B 449 -26.42 12.71 18.54
N ASP B 450 -25.51 13.46 19.16
CA ASP B 450 -24.39 14.03 18.45
C ASP B 450 -23.15 13.14 18.53
N GLN B 451 -23.31 11.94 19.08
CA GLN B 451 -22.16 11.08 19.37
CA GLN B 451 -22.18 11.07 19.38
C GLN B 451 -22.09 9.90 18.41
N TRP B 452 -22.54 10.13 17.17
CA TRP B 452 -22.47 9.12 16.12
C TRP B 452 -21.56 9.61 15.01
N THR B 453 -21.10 8.68 14.17
CA THR B 453 -20.47 9.06 12.93
C THR B 453 -21.44 9.84 12.05
N LYS B 454 -20.88 10.64 11.15
CA LYS B 454 -21.64 11.59 10.36
C LYS B 454 -21.29 11.42 8.89
N ILE B 455 -21.09 10.17 8.49
CA ILE B 455 -20.71 9.86 7.12
C ILE B 455 -21.78 10.33 6.15
N GLY B 456 -21.36 11.09 5.14
CA GLY B 456 -22.27 11.55 4.10
C GLY B 456 -23.20 12.66 4.55
N GLU B 457 -22.92 13.24 5.72
CA GLU B 457 -23.82 14.22 6.33
C GLU B 457 -23.46 15.65 5.92
N SER B 458 -22.17 15.97 5.96
CA SER B 458 -21.75 17.36 5.94
C SER B 458 -22.37 18.11 4.77
#